data_9GH4
#
_entry.id   9GH4
#
_cell.length_a   1.00
_cell.length_b   1.00
_cell.length_c   1.00
_cell.angle_alpha   90.00
_cell.angle_beta   90.00
_cell.angle_gamma   90.00
#
_symmetry.space_group_name_H-M   'P 1'
#
_entity_poly.entity_id   1
_entity_poly.type   'polypeptide(L)'
_entity_poly.pdbx_seq_one_letter_code
;MKKTAIAIAVALAGFATVAQASAAPVIKAGTATDSTEAGVDNVANGVKSSAFGYDNKAIEKESSAFGTGNRATGEFSSAF
GFHNIASKIHSSAFGSNNAADGVNSSAFGFKNTVSGFNSSAFGSQYQVTGNFSGAFGMGEFNGQYQYKNEGNNSYMIGNK
NKIASGSDDNFILGNNVHIGGGINNSVALGNNSTVSASNTVSVGSSTLKRKIVNVGDGAISANSSDAVTGRQLYSGNGID
TAAWQNKLNVTRKNDYKDANDIDVNKWKAKLGVGSGGGGGAPVDAYTKSEADNKFANKTDLNDYTKKDDYKDANGIDVDK
WKAKLGTGAGTADIENLRNEVNEKIDDVKDEVRTVGSLSAALAGLHPMQYDPKAPVQVMAALGHYRDKQSVAVGASYYFN
DRFMMSTGIALSGEKRTKTMANVGFTLKLGKGSGVTYDETPQYVVQNEVKRLTVENQELKERVRNLEEKLNMLLKNKRSS
AWSHPQFEK
;
_entity_poly.pdbx_strand_id   A,B,C
#
# COMPACT_ATOMS: atom_id res chain seq x y z
N ALA A 23 49.82 -8.34 -8.70
CA ALA A 23 49.32 -8.77 -7.40
C ALA A 23 48.68 -7.60 -6.65
N ALA A 24 47.93 -7.93 -5.60
CA ALA A 24 47.27 -6.97 -4.72
C ALA A 24 46.19 -6.19 -5.47
N PRO A 25 45.33 -5.46 -4.76
CA PRO A 25 44.39 -4.56 -5.46
C PRO A 25 45.14 -3.52 -6.28
N VAL A 26 44.63 -3.26 -7.48
CA VAL A 26 45.26 -2.35 -8.42
C VAL A 26 44.18 -1.60 -9.19
N ILE A 27 44.56 -0.46 -9.75
CA ILE A 27 43.71 0.32 -10.64
C ILE A 27 44.30 0.26 -12.04
N LYS A 28 43.45 0.03 -13.03
CA LYS A 28 43.92 -0.12 -14.40
C LYS A 28 42.74 0.07 -15.35
N ALA A 29 43.07 0.29 -16.62
CA ALA A 29 42.04 0.41 -17.66
C ALA A 29 41.54 -0.96 -18.08
N GLY A 30 40.27 -1.01 -18.48
CA GLY A 30 39.68 -2.25 -18.94
C GLY A 30 40.01 -2.54 -20.40
N THR A 31 39.09 -3.20 -21.10
CA THR A 31 39.27 -3.52 -22.50
C THR A 31 38.63 -2.51 -23.44
N ALA A 32 38.06 -1.44 -22.91
CA ALA A 32 37.38 -0.44 -23.71
C ALA A 32 37.83 0.95 -23.27
N THR A 33 37.49 1.95 -24.08
CA THR A 33 37.84 3.32 -23.77
C THR A 33 37.10 3.78 -22.52
N ASP A 34 37.83 4.46 -21.63
CA ASP A 34 37.26 5.00 -20.39
C ASP A 34 36.64 3.91 -19.53
N SER A 35 37.27 2.74 -19.51
CA SER A 35 36.82 1.61 -18.69
C SER A 35 37.75 1.47 -17.49
N THR A 36 37.16 1.40 -16.30
CA THR A 36 37.91 1.39 -15.05
C THR A 36 37.69 0.09 -14.31
N GLU A 37 38.80 -0.57 -13.92
CA GLU A 37 38.76 -1.78 -13.11
C GLU A 37 39.43 -1.48 -11.78
N ALA A 38 38.69 -1.62 -10.70
CA ALA A 38 39.19 -1.32 -9.35
C ALA A 38 38.97 -2.53 -8.47
N GLY A 39 40.02 -2.95 -7.76
CA GLY A 39 39.93 -4.09 -6.86
C GLY A 39 40.78 -5.24 -7.34
N VAL A 40 40.29 -6.45 -7.08
CA VAL A 40 40.99 -7.68 -7.42
C VAL A 40 40.10 -8.49 -8.36
N ASP A 41 40.67 -8.92 -9.48
CA ASP A 41 39.99 -9.78 -10.46
C ASP A 41 38.70 -9.13 -10.96
N ASN A 42 38.84 -7.92 -11.46
CA ASN A 42 37.71 -7.17 -12.00
C ASN A 42 37.81 -7.09 -13.51
N VAL A 43 36.66 -7.12 -14.17
CA VAL A 43 36.57 -7.12 -15.62
C VAL A 43 35.67 -5.99 -16.06
N ALA A 44 36.16 -5.17 -16.99
CA ALA A 44 35.38 -4.08 -17.58
C ALA A 44 35.54 -4.15 -19.08
N ASN A 45 34.44 -4.39 -19.80
CA ASN A 45 34.47 -4.51 -21.24
C ASN A 45 33.66 -3.46 -21.98
N GLY A 46 32.71 -2.79 -21.31
CA GLY A 46 31.91 -1.79 -21.96
C GLY A 46 32.59 -0.43 -22.01
N VAL A 47 32.19 0.36 -23.01
CA VAL A 47 32.69 1.72 -23.13
C VAL A 47 32.15 2.57 -22.00
N LYS A 48 33.03 3.35 -21.37
CA LYS A 48 32.67 4.22 -20.25
C LYS A 48 32.08 3.43 -19.10
N SER A 49 32.57 2.21 -18.89
CA SER A 49 32.10 1.34 -17.83
C SER A 49 33.06 1.35 -16.65
N SER A 50 32.56 0.86 -15.51
CA SER A 50 33.37 0.81 -14.29
C SER A 50 33.04 -0.46 -13.53
N ALA A 51 34.08 -1.10 -13.02
CA ALA A 51 33.96 -2.35 -12.27
C ALA A 51 34.79 -2.22 -10.99
N PHE A 52 34.11 -2.10 -9.85
CA PHE A 52 34.76 -1.84 -8.58
C PHE A 52 34.45 -2.99 -7.61
N GLY A 53 35.49 -3.53 -6.99
CA GLY A 53 35.30 -4.56 -6.00
C GLY A 53 36.05 -5.84 -6.29
N TYR A 54 35.41 -6.98 -6.02
CA TYR A 54 36.00 -8.29 -6.28
C TYR A 54 35.09 -9.03 -7.24
N ASP A 55 35.66 -9.50 -8.35
CA ASP A 55 34.93 -10.28 -9.35
C ASP A 55 33.72 -9.50 -9.85
N ASN A 56 33.94 -8.25 -10.24
CA ASN A 56 32.88 -7.39 -10.75
C ASN A 56 33.03 -7.26 -12.25
N LYS A 57 31.95 -7.54 -12.98
CA LYS A 57 31.96 -7.56 -14.44
C LYS A 57 31.05 -6.48 -14.97
N ALA A 58 31.60 -5.59 -15.80
CA ALA A 58 30.86 -4.55 -16.49
C ALA A 58 31.08 -4.73 -17.99
N ILE A 59 30.07 -5.25 -18.68
CA ILE A 59 30.23 -5.70 -20.06
C ILE A 59 29.68 -4.71 -21.07
N GLU A 60 28.63 -3.97 -20.76
CA GLU A 60 27.98 -3.08 -21.72
C GLU A 60 28.36 -1.64 -21.46
N LYS A 61 27.94 -0.77 -22.39
CA LYS A 61 28.34 0.63 -22.38
C LYS A 61 27.71 1.35 -21.19
N GLU A 62 28.53 2.18 -20.52
CA GLU A 62 28.09 2.98 -19.37
C GLU A 62 27.45 2.10 -18.31
N SER A 63 28.02 0.94 -18.07
CA SER A 63 27.53 0.00 -17.07
C SER A 63 28.44 0.07 -15.84
N SER A 64 27.84 0.26 -14.67
CA SER A 64 28.56 0.33 -13.41
C SER A 64 28.19 -0.86 -12.55
N ALA A 65 29.20 -1.57 -12.07
CA ALA A 65 29.01 -2.73 -11.22
C ALA A 65 29.91 -2.56 -10.00
N PHE A 66 29.30 -2.24 -8.86
CA PHE A 66 30.02 -2.00 -7.62
C PHE A 66 29.64 -3.06 -6.59
N GLY A 67 30.64 -3.61 -5.92
CA GLY A 67 30.37 -4.57 -4.87
C GLY A 67 31.22 -5.82 -4.95
N THR A 68 30.64 -6.97 -4.61
CA THR A 68 31.33 -8.25 -4.63
C THR A 68 30.58 -9.19 -5.55
N GLY A 69 31.27 -9.68 -6.58
CA GLY A 69 30.67 -10.65 -7.48
C GLY A 69 29.45 -10.15 -8.21
N ASN A 70 29.45 -8.89 -8.63
CA ASN A 70 28.30 -8.32 -9.31
C ASN A 70 28.51 -8.32 -10.82
N ARG A 71 27.40 -8.48 -11.55
CA ARG A 71 27.43 -8.55 -13.00
C ARG A 71 26.52 -7.47 -13.56
N ALA A 72 27.02 -6.74 -14.56
CA ALA A 72 26.26 -5.70 -15.26
C ALA A 72 26.36 -5.99 -16.76
N THR A 73 25.38 -6.72 -17.29
CA THR A 73 25.42 -7.19 -18.67
C THR A 73 24.52 -6.37 -19.59
N GLY A 74 24.01 -5.24 -19.12
CA GLY A 74 23.13 -4.43 -19.93
C GLY A 74 23.61 -2.99 -19.99
N GLU A 75 23.22 -2.31 -21.05
CA GLU A 75 23.59 -0.91 -21.22
C GLU A 75 23.00 -0.06 -20.10
N PHE A 76 23.78 0.94 -19.68
CA PHE A 76 23.31 1.92 -18.69
C PHE A 76 22.76 1.25 -17.43
N SER A 77 23.24 0.06 -17.13
CA SER A 77 22.74 -0.72 -16.01
C SER A 77 23.66 -0.59 -14.80
N SER A 78 23.05 -0.63 -13.62
CA SER A 78 23.78 -0.48 -12.36
C SER A 78 23.53 -1.69 -11.49
N ALA A 79 24.61 -2.33 -11.03
CA ALA A 79 24.54 -3.49 -10.15
C ALA A 79 25.38 -3.20 -8.91
N PHE A 80 24.70 -2.88 -7.81
CA PHE A 80 25.36 -2.50 -6.57
C PHE A 80 24.99 -3.50 -5.47
N GLY A 81 26.00 -3.96 -4.72
CA GLY A 81 25.74 -4.83 -3.59
C GLY A 81 26.53 -6.12 -3.60
N PHE A 82 25.83 -7.23 -3.41
CA PHE A 82 26.44 -8.55 -3.40
C PHE A 82 25.72 -9.46 -4.37
N HIS A 83 26.44 -9.97 -5.35
CA HIS A 83 25.92 -10.94 -6.31
C HIS A 83 24.64 -10.42 -6.99
N ASN A 84 24.71 -9.19 -7.48
CA ASN A 84 23.60 -8.56 -8.16
C ASN A 84 23.82 -8.64 -9.67
N ILE A 85 22.73 -8.79 -10.41
CA ILE A 85 22.78 -8.99 -11.86
C ILE A 85 21.84 -7.99 -12.52
N ALA A 86 22.37 -7.27 -13.52
CA ALA A 86 21.60 -6.35 -14.33
C ALA A 86 21.84 -6.67 -15.80
N SER A 87 20.77 -6.75 -16.59
CA SER A 87 20.88 -7.26 -17.96
C SER A 87 20.04 -6.52 -18.99
N LYS A 88 19.51 -5.33 -18.70
CA LYS A 88 18.69 -4.64 -19.69
C LYS A 88 19.10 -3.17 -19.82
N ILE A 89 18.30 -2.41 -20.57
CA ILE A 89 18.66 -1.05 -20.95
C ILE A 89 18.72 -0.13 -19.74
N HIS A 90 17.84 -0.33 -18.75
CA HIS A 90 17.89 0.43 -17.51
C HIS A 90 17.50 -0.51 -16.38
N SER A 91 18.51 -1.13 -15.76
CA SER A 91 18.29 -2.10 -14.70
C SER A 91 19.03 -1.64 -13.44
N SER A 92 18.35 -1.71 -12.31
CA SER A 92 18.93 -1.36 -11.02
C SER A 92 18.81 -2.56 -10.10
N ALA A 93 19.95 -3.14 -9.74
CA ALA A 93 20.00 -4.32 -8.87
C ALA A 93 20.79 -3.93 -7.63
N PHE A 94 20.10 -3.48 -6.59
CA PHE A 94 20.73 -3.01 -5.35
C PHE A 94 20.35 -3.96 -4.22
N GLY A 95 21.36 -4.47 -3.52
CA GLY A 95 21.10 -5.34 -2.39
C GLY A 95 21.91 -6.62 -2.43
N SER A 96 21.25 -7.74 -2.14
CA SER A 96 21.89 -9.05 -2.13
C SER A 96 21.13 -9.99 -3.05
N ASN A 97 21.84 -10.61 -3.99
CA ASN A 97 21.32 -11.70 -4.82
C ASN A 97 20.10 -11.27 -5.64
N ASN A 98 20.02 -10.00 -6.01
CA ASN A 98 18.92 -9.51 -6.82
C ASN A 98 19.29 -9.56 -8.30
N ALA A 99 18.34 -10.02 -9.12
CA ALA A 99 18.52 -10.10 -10.57
C ALA A 99 17.41 -9.32 -11.23
N ALA A 100 17.74 -8.14 -11.75
CA ALA A 100 16.76 -7.26 -12.41
C ALA A 100 16.92 -7.45 -13.91
N ASP A 101 16.06 -8.28 -14.49
CA ASP A 101 16.08 -8.58 -15.92
C ASP A 101 14.82 -7.99 -16.54
N GLY A 102 14.90 -6.70 -16.89
CA GLY A 102 13.78 -6.02 -17.50
C GLY A 102 14.09 -4.57 -17.81
N VAL A 103 13.55 -4.06 -18.91
CA VAL A 103 13.81 -2.69 -19.30
C VAL A 103 13.14 -1.74 -18.32
N ASN A 104 13.90 -0.78 -17.81
CA ASN A 104 13.40 0.19 -16.84
C ASN A 104 12.85 -0.49 -15.60
N SER A 105 13.51 -1.56 -15.18
CA SER A 105 13.09 -2.36 -14.04
C SER A 105 14.09 -2.23 -12.90
N SER A 106 13.58 -2.24 -11.67
CA SER A 106 14.40 -2.08 -10.48
C SER A 106 14.15 -3.23 -9.52
N ALA A 107 15.22 -3.85 -9.05
CA ALA A 107 15.15 -4.94 -8.07
C ALA A 107 15.96 -4.53 -6.84
N PHE A 108 15.26 -4.27 -5.74
CA PHE A 108 15.89 -3.81 -4.51
C PHE A 108 15.55 -4.77 -3.39
N GLY A 109 16.53 -5.05 -2.52
CA GLY A 109 16.32 -5.89 -1.36
C GLY A 109 17.25 -7.11 -1.39
N PHE A 110 16.74 -8.22 -0.87
CA PHE A 110 17.49 -9.47 -0.80
C PHE A 110 16.81 -10.51 -1.69
N LYS A 111 17.50 -10.91 -2.75
CA LYS A 111 17.02 -11.94 -3.68
C LYS A 111 15.65 -11.60 -4.24
N ASN A 112 15.60 -10.50 -4.98
CA ASN A 112 14.41 -10.08 -5.70
C ASN A 112 14.67 -10.15 -7.19
N THR A 113 13.80 -10.85 -7.91
CA THR A 113 13.95 -11.04 -9.36
C THR A 113 12.82 -10.31 -10.06
N VAL A 114 13.17 -9.42 -10.99
CA VAL A 114 12.20 -8.70 -11.81
C VAL A 114 12.43 -9.10 -13.26
N SER A 115 11.40 -9.65 -13.89
CA SER A 115 11.49 -10.09 -15.27
C SER A 115 10.54 -9.34 -16.19
N GLY A 116 9.86 -8.31 -15.69
CA GLY A 116 8.88 -7.57 -16.46
C GLY A 116 9.42 -6.26 -17.01
N PHE A 117 8.50 -5.52 -17.62
CA PHE A 117 8.82 -4.22 -18.23
C PHE A 117 8.29 -3.11 -17.35
N ASN A 118 9.17 -2.16 -17.00
CA ASN A 118 8.84 -1.06 -16.11
C ASN A 118 8.24 -1.54 -14.79
N SER A 119 8.82 -2.60 -14.23
CA SER A 119 8.33 -3.17 -12.98
C SER A 119 9.40 -3.04 -11.89
N SER A 120 8.93 -2.88 -10.66
CA SER A 120 9.80 -2.71 -9.51
C SER A 120 9.48 -3.76 -8.47
N ALA A 121 10.46 -4.06 -7.62
CA ALA A 121 10.29 -5.06 -6.57
C ALA A 121 11.20 -4.71 -5.41
N PHE A 122 10.60 -4.55 -4.23
CA PHE A 122 11.34 -4.24 -3.01
C PHE A 122 10.94 -5.23 -1.93
N GLY A 123 11.94 -5.82 -1.28
CA GLY A 123 11.67 -6.81 -0.26
C GLY A 123 12.63 -7.97 -0.28
N SER A 124 12.17 -9.16 0.09
CA SER A 124 13.02 -10.33 0.15
C SER A 124 12.32 -11.53 -0.47
N GLN A 125 13.03 -12.22 -1.36
CA GLN A 125 12.58 -13.48 -1.95
C GLN A 125 11.25 -13.32 -2.68
N TYR A 126 11.14 -12.26 -3.48
CA TYR A 126 9.95 -11.98 -4.28
C TYR A 126 10.34 -11.89 -5.75
N GLN A 127 9.49 -12.44 -6.61
CA GLN A 127 9.69 -12.41 -8.05
C GLN A 127 8.50 -11.73 -8.71
N VAL A 128 8.78 -10.83 -9.65
CA VAL A 128 7.75 -10.08 -10.37
C VAL A 128 7.98 -10.28 -11.85
N THR A 129 7.17 -11.12 -12.49
CA THR A 129 7.24 -11.36 -13.92
C THR A 129 6.23 -10.53 -14.71
N GLY A 130 5.37 -9.77 -14.03
CA GLY A 130 4.35 -9.02 -14.73
C GLY A 130 4.89 -7.75 -15.37
N ASN A 131 4.06 -7.16 -16.23
CA ASN A 131 4.39 -5.93 -16.92
C ASN A 131 3.80 -4.75 -16.17
N PHE A 132 4.63 -3.74 -15.91
CA PHE A 132 4.23 -2.56 -15.14
C PHE A 132 3.68 -2.96 -13.78
N SER A 133 4.26 -4.00 -13.20
CA SER A 133 3.80 -4.57 -11.94
C SER A 133 4.76 -4.21 -10.82
N GLY A 134 4.43 -4.66 -9.61
CA GLY A 134 5.26 -4.36 -8.46
C GLY A 134 4.91 -5.26 -7.29
N ALA A 135 5.85 -5.34 -6.36
CA ALA A 135 5.68 -6.12 -5.15
C ALA A 135 6.51 -5.51 -4.03
N PHE A 136 5.95 -5.50 -2.83
CA PHE A 136 6.62 -4.94 -1.66
C PHE A 136 6.30 -5.85 -0.47
N GLY A 137 7.20 -6.77 -0.18
CA GLY A 137 6.97 -7.69 0.92
C GLY A 137 7.99 -8.83 0.92
N MET A 138 7.59 -9.93 1.53
CA MET A 138 8.45 -11.10 1.70
C MET A 138 7.80 -12.31 1.07
N GLY A 139 8.58 -13.07 0.29
CA GLY A 139 8.08 -14.26 -0.36
C GLY A 139 8.72 -15.54 0.16
N GLU A 140 9.23 -16.38 -0.75
CA GLU A 140 9.88 -17.61 -0.36
C GLU A 140 10.68 -18.11 -1.55
N PHE A 141 11.90 -18.56 -1.25
CA PHE A 141 12.79 -19.09 -2.29
C PHE A 141 13.58 -20.24 -1.66
N ASN A 142 13.12 -21.47 -1.89
CA ASN A 142 13.90 -22.64 -1.50
C ASN A 142 14.96 -22.96 -2.55
N GLY A 143 14.53 -23.30 -3.75
CA GLY A 143 15.41 -23.38 -4.91
C GLY A 143 14.80 -22.63 -6.08
N GLN A 144 13.51 -22.31 -5.95
CA GLN A 144 12.76 -21.55 -6.95
C GLN A 144 11.81 -20.62 -6.23
N TYR A 145 11.36 -19.59 -6.94
CA TYR A 145 10.40 -18.65 -6.37
C TYR A 145 9.02 -19.28 -6.33
N GLN A 146 8.49 -19.49 -5.13
CA GLN A 146 7.17 -20.07 -4.97
C GLN A 146 6.05 -19.03 -4.94
N TYR A 147 6.37 -17.77 -4.64
CA TYR A 147 5.42 -16.68 -4.66
C TYR A 147 5.87 -15.68 -5.71
N LYS A 148 5.10 -15.54 -6.79
CA LYS A 148 5.48 -14.70 -7.90
C LYS A 148 4.29 -13.86 -8.33
N ASN A 149 4.59 -12.73 -8.99
CA ASN A 149 3.59 -11.83 -9.53
C ASN A 149 3.62 -11.95 -11.06
N GLU A 150 2.61 -12.61 -11.62
CA GLU A 150 2.51 -12.80 -13.06
C GLU A 150 1.44 -11.93 -13.70
N GLY A 151 0.89 -10.96 -12.97
CA GLY A 151 -0.15 -10.11 -13.49
C GLY A 151 0.39 -8.78 -13.97
N ASN A 152 -0.30 -8.20 -14.96
CA ASN A 152 0.06 -6.89 -15.48
C ASN A 152 -0.62 -5.80 -14.67
N ASN A 153 0.11 -4.72 -14.41
CA ASN A 153 -0.41 -3.58 -13.66
C ASN A 153 -0.95 -4.01 -12.30
N SER A 154 -0.24 -4.93 -11.65
CA SER A 154 -0.66 -5.47 -10.36
C SER A 154 0.42 -5.19 -9.32
N TYR A 155 -0.03 -4.83 -8.12
CA TYR A 155 0.88 -4.52 -7.03
C TYR A 155 0.48 -5.31 -5.79
N MET A 156 1.48 -5.83 -5.09
CA MET A 156 1.28 -6.62 -3.88
C MET A 156 2.05 -6.00 -2.73
N ILE A 157 1.41 -5.94 -1.56
CA ILE A 157 2.08 -5.53 -0.33
C ILE A 157 1.68 -6.55 0.73
N GLY A 158 2.62 -7.38 1.12
CA GLY A 158 2.35 -8.41 2.11
C GLY A 158 3.33 -9.56 1.96
N ASN A 159 3.06 -10.62 2.71
CA ASN A 159 3.94 -11.78 2.78
C ASN A 159 3.26 -12.97 2.12
N LYS A 160 4.01 -13.69 1.29
CA LYS A 160 3.58 -14.96 0.70
C LYS A 160 2.27 -14.78 -0.07
N ASN A 161 2.31 -13.91 -1.06
CA ASN A 161 1.16 -13.61 -1.90
C ASN A 161 1.45 -14.01 -3.34
N LYS A 162 0.42 -14.53 -4.01
CA LYS A 162 0.55 -15.07 -5.35
C LYS A 162 -0.54 -14.53 -6.26
N ILE A 163 -0.17 -14.19 -7.49
CA ILE A 163 -1.10 -13.74 -8.51
C ILE A 163 -0.87 -14.58 -9.76
N ALA A 164 -1.93 -15.24 -10.23
CA ALA A 164 -1.81 -16.10 -11.40
C ALA A 164 -1.65 -15.28 -12.67
N SER A 165 -1.06 -15.90 -13.69
CA SER A 165 -0.89 -15.25 -14.98
C SER A 165 -2.25 -15.05 -15.65
N GLY A 166 -2.40 -13.91 -16.30
CA GLY A 166 -3.65 -13.54 -16.95
C GLY A 166 -4.57 -12.70 -16.09
N SER A 167 -4.32 -12.62 -14.78
CA SER A 167 -5.11 -11.80 -13.87
C SER A 167 -4.40 -10.47 -13.69
N ASP A 168 -4.99 -9.41 -14.22
CA ASP A 168 -4.38 -8.10 -14.25
C ASP A 168 -5.21 -7.09 -13.47
N ASP A 169 -4.60 -5.94 -13.21
CA ASP A 169 -5.23 -4.85 -12.46
C ASP A 169 -5.74 -5.33 -11.10
N ASN A 170 -4.89 -6.07 -10.40
CA ASN A 170 -5.21 -6.61 -9.09
C ASN A 170 -4.26 -6.04 -8.05
N PHE A 171 -4.81 -5.57 -6.94
CA PHE A 171 -4.02 -4.99 -5.86
C PHE A 171 -4.26 -5.79 -4.58
N ILE A 172 -3.17 -6.16 -3.92
CA ILE A 172 -3.22 -6.98 -2.71
C ILE A 172 -2.60 -6.22 -1.57
N LEU A 173 -3.33 -6.13 -0.45
CA LEU A 173 -2.81 -5.59 0.80
C LEU A 173 -3.12 -6.62 1.89
N GLY A 174 -2.23 -7.59 2.04
CA GLY A 174 -2.43 -8.65 2.99
C GLY A 174 -1.44 -9.77 2.76
N ASN A 175 -1.55 -10.79 3.61
CA ASN A 175 -0.67 -11.94 3.57
C ASN A 175 -1.44 -13.20 3.21
N ASN A 176 -0.73 -14.16 2.62
CA ASN A 176 -1.30 -15.46 2.25
C ASN A 176 -2.50 -15.29 1.32
N VAL A 177 -2.41 -14.36 0.38
CA VAL A 177 -3.48 -14.07 -0.56
C VAL A 177 -3.08 -14.64 -1.91
N HIS A 178 -3.92 -15.52 -2.46
CA HIS A 178 -3.68 -16.14 -3.75
C HIS A 178 -4.83 -15.80 -4.69
N ILE A 179 -4.49 -15.39 -5.91
CA ILE A 179 -5.47 -15.05 -6.94
C ILE A 179 -5.36 -16.08 -8.05
N GLY A 180 -6.51 -16.64 -8.45
CA GLY A 180 -6.54 -17.60 -9.53
C GLY A 180 -6.50 -16.91 -10.88
N GLY A 181 -6.72 -17.71 -11.92
CA GLY A 181 -6.74 -17.19 -13.28
C GLY A 181 -8.05 -16.50 -13.61
N GLY A 182 -7.96 -15.51 -14.50
CA GLY A 182 -9.14 -14.80 -14.93
C GLY A 182 -9.85 -14.00 -13.85
N ILE A 183 -9.09 -13.27 -13.04
CA ILE A 183 -9.65 -12.42 -11.98
C ILE A 183 -9.06 -11.03 -12.18
N ASN A 184 -9.86 -10.11 -12.72
CA ASN A 184 -9.42 -8.76 -13.02
C ASN A 184 -10.14 -7.76 -12.13
N ASN A 185 -9.48 -6.62 -11.91
CA ASN A 185 -10.06 -5.48 -11.19
C ASN A 185 -10.52 -5.88 -9.80
N SER A 186 -9.68 -6.63 -9.09
CA SER A 186 -10.02 -7.13 -7.77
C SER A 186 -8.97 -6.67 -6.75
N VAL A 187 -9.45 -6.30 -5.57
CA VAL A 187 -8.59 -5.83 -4.48
C VAL A 187 -8.88 -6.68 -3.25
N ALA A 188 -7.82 -7.15 -2.59
CA ALA A 188 -7.94 -7.95 -1.38
C ALA A 188 -7.28 -7.22 -0.23
N LEU A 189 -8.00 -7.08 0.87
CA LEU A 189 -7.53 -6.38 2.06
C LEU A 189 -7.50 -7.33 3.24
N GLY A 190 -6.44 -7.25 4.04
CA GLY A 190 -6.36 -7.97 5.29
C GLY A 190 -5.62 -9.29 5.16
N ASN A 191 -5.24 -9.83 6.32
CA ASN A 191 -4.54 -11.10 6.38
C ASN A 191 -5.45 -12.24 5.94
N ASN A 192 -4.87 -13.20 5.22
CA ASN A 192 -5.57 -14.40 4.76
C ASN A 192 -6.81 -14.06 3.94
N SER A 193 -6.72 -13.02 3.13
CA SER A 193 -7.84 -12.64 2.28
C SER A 193 -7.92 -13.56 1.06
N THR A 194 -9.13 -13.74 0.56
CA THR A 194 -9.39 -14.60 -0.59
C THR A 194 -10.33 -13.89 -1.55
N VAL A 195 -9.96 -13.88 -2.82
CA VAL A 195 -10.75 -13.26 -3.88
C VAL A 195 -11.13 -14.35 -4.89
N SER A 196 -12.41 -14.38 -5.28
CA SER A 196 -12.90 -15.40 -6.18
C SER A 196 -13.69 -14.85 -7.37
N ALA A 197 -13.69 -13.53 -7.58
CA ALA A 197 -14.48 -12.95 -8.67
C ALA A 197 -13.83 -11.65 -9.10
N SER A 198 -14.22 -11.19 -10.28
CA SER A 198 -13.70 -9.95 -10.85
C SER A 198 -14.56 -8.76 -10.40
N ASN A 199 -13.95 -7.57 -10.45
CA ASN A 199 -14.61 -6.32 -10.08
C ASN A 199 -15.20 -6.39 -8.68
N THR A 200 -14.45 -6.98 -7.75
CA THR A 200 -14.88 -7.12 -6.36
C THR A 200 -13.73 -6.74 -5.45
N VAL A 201 -14.08 -6.32 -4.24
CA VAL A 201 -13.09 -6.02 -3.20
C VAL A 201 -13.33 -7.01 -2.07
N SER A 202 -12.29 -7.78 -1.74
CA SER A 202 -12.38 -8.81 -0.71
C SER A 202 -11.76 -8.29 0.58
N VAL A 203 -12.48 -8.50 1.68
CA VAL A 203 -12.03 -8.09 3.01
C VAL A 203 -11.62 -9.31 3.84
N GLY A 204 -11.92 -10.51 3.36
CA GLY A 204 -11.59 -11.71 4.09
C GLY A 204 -11.96 -12.94 3.27
N SER A 205 -11.96 -14.08 3.95
CA SER A 205 -12.23 -15.37 3.33
C SER A 205 -13.57 -15.90 3.84
N SER A 206 -13.91 -17.12 3.40
CA SER A 206 -15.14 -17.75 3.83
C SER A 206 -15.09 -18.16 5.29
N THR A 207 -13.90 -18.29 5.87
CA THR A 207 -13.73 -18.68 7.27
C THR A 207 -13.72 -17.49 8.22
N LEU A 208 -12.94 -16.46 7.89
CA LEU A 208 -12.87 -15.26 8.71
C LEU A 208 -13.42 -14.09 7.90
N LYS A 209 -14.32 -13.32 8.51
CA LYS A 209 -14.94 -12.17 7.87
C LYS A 209 -14.71 -10.94 8.74
N ARG A 210 -14.20 -9.88 8.13
CA ARG A 210 -13.87 -8.66 8.87
C ARG A 210 -15.02 -7.66 8.80
N LYS A 211 -15.19 -6.93 9.89
CA LYS A 211 -16.19 -5.87 9.98
C LYS A 211 -15.59 -4.55 9.52
N ILE A 212 -16.41 -3.73 8.89
CA ILE A 212 -16.02 -2.39 8.47
C ILE A 212 -16.55 -1.41 9.50
N VAL A 213 -15.65 -0.75 10.22
CA VAL A 213 -16.00 0.06 11.35
C VAL A 213 -15.79 1.53 11.01
N ASN A 214 -16.60 2.40 11.61
CA ASN A 214 -16.51 3.85 11.42
C ASN A 214 -16.81 4.25 9.98
N VAL A 215 -17.95 3.81 9.47
CA VAL A 215 -18.40 4.16 8.14
C VAL A 215 -19.26 5.42 8.24
N GLY A 216 -19.07 6.34 7.29
CA GLY A 216 -19.82 7.57 7.31
C GLY A 216 -21.29 7.35 6.99
N ASP A 217 -22.07 8.39 7.25
CA ASP A 217 -23.50 8.34 7.00
C ASP A 217 -23.77 8.14 5.50
N GLY A 218 -24.80 7.37 5.19
CA GLY A 218 -25.12 7.05 3.82
C GLY A 218 -25.85 8.16 3.10
N ALA A 219 -26.25 7.91 1.86
CA ALA A 219 -26.92 8.87 0.99
C ALA A 219 -28.13 8.25 0.33
N ILE A 220 -28.99 7.62 1.15
CA ILE A 220 -30.13 6.83 0.68
C ILE A 220 -30.92 7.58 -0.37
N SER A 221 -31.06 6.97 -1.55
CA SER A 221 -31.79 7.56 -2.67
C SER A 221 -32.01 6.45 -3.69
N ALA A 222 -32.59 6.83 -4.84
CA ALA A 222 -32.88 5.84 -5.87
C ALA A 222 -31.62 5.45 -6.64
N ASN A 223 -30.69 6.40 -6.82
CA ASN A 223 -29.52 6.17 -7.64
C ASN A 223 -28.22 6.12 -6.86
N SER A 224 -28.15 6.74 -5.68
CA SER A 224 -26.91 6.81 -4.94
C SER A 224 -26.44 5.41 -4.54
N SER A 225 -25.15 5.16 -4.69
CA SER A 225 -24.53 3.87 -4.40
C SER A 225 -23.47 4.09 -3.32
N ASP A 226 -23.89 4.09 -2.07
CA ASP A 226 -22.96 4.22 -0.95
C ASP A 226 -23.01 2.97 -0.08
N ALA A 227 -22.32 3.00 1.06
CA ALA A 227 -22.33 1.91 2.02
C ALA A 227 -23.11 2.37 3.25
N VAL A 228 -24.25 1.74 3.50
CA VAL A 228 -25.11 2.19 4.59
C VAL A 228 -24.50 1.75 5.93
N THR A 229 -24.98 2.39 7.00
CA THR A 229 -24.52 2.13 8.35
C THR A 229 -25.58 1.38 9.13
N GLY A 230 -25.18 0.86 10.29
CA GLY A 230 -26.12 0.13 11.14
C GLY A 230 -27.22 1.04 11.68
N ARG A 231 -26.89 2.29 11.97
CA ARG A 231 -27.89 3.21 12.48
C ARG A 231 -28.97 3.48 11.44
N GLN A 232 -28.58 3.60 10.17
CA GLN A 232 -29.55 3.90 9.12
C GLN A 232 -30.53 2.76 8.95
N LEU A 233 -30.04 1.53 8.91
CA LEU A 233 -30.93 0.37 8.79
C LEU A 233 -31.75 0.20 10.04
N TYR A 234 -31.19 0.54 11.21
CA TYR A 234 -31.94 0.48 12.45
C TYR A 234 -33.12 1.45 12.42
N SER A 235 -32.90 2.66 11.91
CA SER A 235 -33.93 3.69 11.91
C SER A 235 -34.73 3.71 10.62
N GLY A 236 -34.08 3.47 9.48
CA GLY A 236 -34.79 3.46 8.21
C GLY A 236 -35.09 4.84 7.65
N ASN A 237 -34.28 5.83 7.95
CA ASN A 237 -34.51 7.17 7.42
C ASN A 237 -34.28 7.21 5.92
N GLY A 238 -35.16 7.92 5.21
CA GLY A 238 -35.03 8.11 3.78
C GLY A 238 -35.52 6.97 2.92
N ILE A 239 -36.18 5.96 3.49
CA ILE A 239 -36.65 4.83 2.69
C ILE A 239 -37.82 5.25 1.83
N ASP A 240 -38.11 4.43 0.82
CA ASP A 240 -39.22 4.66 -0.08
C ASP A 240 -40.50 4.20 0.61
N THR A 241 -41.29 5.16 1.11
CA THR A 241 -42.51 4.82 1.84
C THR A 241 -43.60 4.23 0.94
N ALA A 242 -43.43 4.29 -0.37
CA ALA A 242 -44.40 3.71 -1.30
C ALA A 242 -43.96 2.36 -1.85
N ALA A 243 -42.70 2.24 -2.29
CA ALA A 243 -42.22 0.96 -2.80
C ALA A 243 -42.17 -0.09 -1.70
N TRP A 244 -41.70 0.29 -0.51
CA TRP A 244 -41.63 -0.66 0.60
C TRP A 244 -43.00 -1.10 1.07
N GLN A 245 -44.04 -0.29 0.87
CA GLN A 245 -45.38 -0.65 1.27
C GLN A 245 -46.07 -1.55 0.25
N ASN A 246 -45.43 -1.84 -0.87
CA ASN A 246 -45.94 -2.79 -1.86
C ASN A 246 -45.21 -4.12 -1.84
N LYS A 247 -43.89 -4.11 -1.64
CA LYS A 247 -43.16 -5.37 -1.53
C LYS A 247 -43.62 -6.17 -0.32
N LEU A 248 -43.77 -5.51 0.83
CA LEU A 248 -44.47 -6.08 1.96
C LEU A 248 -45.87 -5.49 1.98
N ASN A 249 -46.88 -6.36 1.95
CA ASN A 249 -48.27 -5.91 2.00
C ASN A 249 -48.57 -5.41 3.40
N VAL A 250 -48.56 -4.09 3.56
CA VAL A 250 -48.86 -3.46 4.83
C VAL A 250 -50.17 -2.71 4.72
N THR A 251 -50.77 -2.42 5.87
CA THR A 251 -52.01 -1.66 5.95
C THR A 251 -51.72 -0.33 6.62
N ARG A 252 -51.80 0.75 5.84
CA ARG A 252 -51.60 2.08 6.40
C ARG A 252 -52.71 2.40 7.40
N LYS A 253 -52.41 3.28 8.35
CA LYS A 253 -53.36 3.54 9.41
C LYS A 253 -54.53 4.40 8.95
N ASN A 254 -54.38 5.14 7.85
CA ASN A 254 -55.44 6.04 7.43
C ASN A 254 -56.65 5.29 6.87
N ASP A 255 -56.44 4.32 5.97
CA ASP A 255 -57.59 3.63 5.39
C ASP A 255 -58.23 2.66 6.37
N TYR A 256 -57.44 2.14 7.31
CA TYR A 256 -58.03 1.37 8.41
C TYR A 256 -58.96 2.25 9.22
N LYS A 257 -58.52 3.45 9.57
CA LYS A 257 -59.34 4.40 10.28
C LYS A 257 -60.52 4.89 9.44
N ASP A 258 -60.43 4.78 8.12
CA ASP A 258 -61.44 5.33 7.22
C ASP A 258 -62.19 4.27 6.44
N ALA A 259 -61.85 2.99 6.64
CA ALA A 259 -62.52 1.86 5.98
C ALA A 259 -62.46 1.95 4.46
N ASN A 260 -61.27 2.22 3.91
CA ASN A 260 -61.11 2.21 2.46
C ASN A 260 -60.63 0.85 1.98
N ASP A 261 -61.03 0.49 0.75
CA ASP A 261 -60.66 -0.78 0.13
C ASP A 261 -61.13 -1.95 1.01
N ILE A 262 -62.44 -1.98 1.23
CA ILE A 262 -63.08 -2.99 2.06
C ILE A 262 -64.14 -3.71 1.24
N ASP A 263 -64.07 -5.03 1.25
CA ASP A 263 -65.15 -5.84 0.70
C ASP A 263 -66.38 -5.74 1.58
N VAL A 264 -67.55 -5.63 0.95
CA VAL A 264 -68.78 -5.41 1.68
C VAL A 264 -69.76 -6.57 1.53
N ASN A 265 -69.60 -7.42 0.50
CA ASN A 265 -70.56 -8.49 0.27
C ASN A 265 -70.38 -9.66 1.22
N LYS A 266 -69.17 -9.90 1.73
CA LYS A 266 -68.92 -11.02 2.61
C LYS A 266 -68.38 -10.59 3.97
N TRP A 267 -67.93 -9.34 4.09
CA TRP A 267 -67.61 -8.81 5.41
C TRP A 267 -68.86 -8.70 6.27
N LYS A 268 -70.01 -8.46 5.64
CA LYS A 268 -71.28 -8.43 6.35
C LYS A 268 -71.70 -9.80 6.84
N ALA A 269 -71.09 -10.87 6.33
CA ALA A 269 -71.47 -12.21 6.74
C ALA A 269 -70.84 -12.59 8.07
N LYS A 270 -69.51 -12.51 8.16
CA LYS A 270 -68.83 -12.86 9.41
C LYS A 270 -69.18 -11.86 10.51
N LEU A 271 -69.29 -10.59 10.16
CA LEU A 271 -69.60 -9.55 11.15
C LEU A 271 -71.09 -9.33 11.32
N GLY A 272 -71.93 -10.08 10.64
CA GLY A 272 -73.37 -9.94 10.78
C GLY A 272 -73.90 -8.65 10.18
N ALA B 23 47.09 9.72 -17.78
CA ALA B 23 46.26 8.83 -18.59
C ALA B 23 45.79 7.63 -17.76
N ALA B 24 44.81 6.90 -18.30
CA ALA B 24 44.25 5.68 -17.70
C ALA B 24 43.55 6.00 -16.38
N PRO B 25 42.77 5.05 -15.85
CA PRO B 25 42.23 5.26 -14.50
C PRO B 25 43.34 5.43 -13.47
N VAL B 26 43.12 6.36 -12.54
CA VAL B 26 44.12 6.70 -11.54
C VAL B 26 43.41 7.04 -10.23
N ILE B 27 44.15 6.97 -9.13
CA ILE B 27 43.68 7.38 -7.82
C ILE B 27 44.48 8.60 -7.40
N LYS B 28 43.79 9.61 -6.89
CA LYS B 28 44.44 10.87 -6.52
C LYS B 28 43.54 11.64 -5.58
N ALA B 29 44.12 12.62 -4.91
CA ALA B 29 43.37 13.50 -4.02
C ALA B 29 42.63 14.56 -4.83
N GLY B 30 41.49 14.99 -4.30
CA GLY B 30 40.71 16.02 -4.95
C GLY B 30 41.20 17.42 -4.62
N THR B 31 40.30 18.38 -4.57
CA THR B 31 40.65 19.76 -4.26
C THR B 31 40.44 20.10 -2.79
N ALA B 32 40.06 19.14 -1.97
CA ALA B 32 39.80 19.36 -0.55
C ALA B 32 40.48 18.28 0.27
N THR B 33 40.53 18.51 1.58
CA THR B 33 41.14 17.55 2.48
C THR B 33 40.33 16.26 2.51
N ASP B 34 41.03 15.13 2.45
CA ASP B 34 40.40 13.81 2.50
C ASP B 34 39.38 13.62 1.37
N SER B 35 39.70 14.15 0.20
CA SER B 35 38.87 14.01 -0.98
C SER B 35 39.49 13.01 -1.93
N THR B 36 38.70 12.03 -2.38
CA THR B 36 39.20 10.92 -3.18
C THR B 36 38.54 10.93 -4.54
N GLU B 37 39.36 10.87 -5.59
CA GLU B 37 38.89 10.76 -6.96
C GLU B 37 39.37 9.43 -7.52
N ALA B 38 38.43 8.58 -7.93
CA ALA B 38 38.74 7.25 -8.44
C ALA B 38 38.08 7.08 -9.80
N GLY B 39 38.85 6.64 -10.79
CA GLY B 39 38.33 6.41 -12.12
C GLY B 39 38.96 7.37 -13.12
N VAL B 40 38.15 7.76 -14.11
CA VAL B 40 38.58 8.64 -15.19
C VAL B 40 37.70 9.88 -15.17
N ASP B 41 38.35 11.05 -15.19
CA ASP B 41 37.67 12.34 -15.25
C ASP B 41 36.68 12.51 -14.09
N ASN B 42 37.19 12.35 -12.88
CA ASN B 42 36.39 12.49 -11.67
C ASN B 42 36.78 13.76 -10.94
N VAL B 43 35.79 14.39 -10.33
CA VAL B 43 35.98 15.67 -9.64
C VAL B 43 35.46 15.53 -8.21
N ALA B 44 36.30 15.90 -7.24
CA ALA B 44 35.92 15.90 -5.83
C ALA B 44 36.33 17.24 -5.24
N ASN B 45 35.34 18.02 -4.80
CA ASN B 45 35.60 19.34 -4.24
C ASN B 45 35.21 19.49 -2.77
N GLY B 46 34.35 18.62 -2.25
CA GLY B 46 33.95 18.73 -0.86
C GLY B 46 34.92 18.08 0.10
N VAL B 47 34.90 18.57 1.34
CA VAL B 47 35.74 18.00 2.38
C VAL B 47 35.23 16.60 2.73
N LYS B 48 36.14 15.63 2.84
CA LYS B 48 35.80 14.26 3.15
C LYS B 48 34.84 13.65 2.13
N SER B 49 34.98 14.05 0.87
CA SER B 49 34.13 13.58 -0.21
C SER B 49 34.84 12.51 -1.03
N SER B 50 34.05 11.79 -1.82
CA SER B 50 34.58 10.72 -2.65
C SER B 50 33.83 10.69 -3.97
N ALA B 51 34.58 10.54 -5.06
CA ALA B 51 34.02 10.49 -6.41
C ALA B 51 34.62 9.29 -7.13
N PHE B 52 33.80 8.26 -7.35
CA PHE B 52 34.24 7.00 -7.91
C PHE B 52 33.51 6.74 -9.22
N GLY B 53 34.26 6.43 -10.28
CA GLY B 53 33.65 6.07 -11.54
C GLY B 53 34.11 6.93 -12.70
N TYR B 54 33.18 7.29 -13.59
CA TYR B 54 33.47 8.13 -14.74
C TYR B 54 32.59 9.36 -14.64
N ASP B 55 33.22 10.54 -14.70
CA ASP B 55 32.52 11.82 -14.67
C ASP B 55 31.64 11.93 -13.42
N ASN B 56 32.23 11.63 -12.27
CA ASN B 56 31.52 11.71 -11.01
C ASN B 56 31.96 12.95 -10.25
N LYS B 57 30.99 13.74 -9.82
CA LYS B 57 31.26 15.02 -9.17
C LYS B 57 30.74 14.99 -7.74
N ALA B 58 31.63 15.26 -6.79
CA ALA B 58 31.29 15.37 -5.38
C ALA B 58 31.72 16.75 -4.92
N ILE B 59 30.76 17.65 -4.72
CA ILE B 59 31.05 19.06 -4.51
C ILE B 59 30.95 19.48 -3.04
N GLU B 60 30.07 18.87 -2.26
CA GLU B 60 29.84 19.31 -0.89
C GLU B 60 30.51 18.36 0.09
N LYS B 61 30.47 18.75 1.36
CA LYS B 61 31.18 18.03 2.41
C LYS B 61 30.56 16.67 2.66
N GLU B 62 31.41 15.65 2.80
CA GLU B 62 30.98 14.27 3.06
C GLU B 62 29.96 13.81 2.04
N SER B 63 30.19 14.15 0.78
CA SER B 63 29.32 13.75 -0.32
C SER B 63 29.98 12.63 -1.10
N SER B 64 29.24 11.54 -1.29
CA SER B 64 29.73 10.38 -2.02
C SER B 64 28.94 10.22 -3.31
N ALA B 65 29.64 10.12 -4.43
CA ALA B 65 29.03 9.96 -5.74
C ALA B 65 29.70 8.78 -6.42
N PHE B 66 28.99 7.65 -6.50
CA PHE B 66 29.52 6.43 -7.08
C PHE B 66 28.72 6.08 -8.33
N GLY B 67 29.42 5.72 -9.40
CA GLY B 67 28.75 5.30 -10.61
C GLY B 67 29.27 5.96 -11.87
N THR B 68 28.37 6.24 -12.80
CA THR B 68 28.73 6.86 -14.08
C THR B 68 27.95 8.16 -14.22
N GLY B 69 28.68 9.27 -14.36
CA GLY B 69 28.03 10.55 -14.57
C GLY B 69 27.11 10.99 -13.46
N ASN B 70 27.49 10.73 -12.22
CA ASN B 70 26.65 11.08 -11.08
C ASN B 70 27.12 12.37 -10.44
N ARG B 71 26.16 13.14 -9.92
CA ARG B 71 26.43 14.44 -9.32
C ARG B 71 25.93 14.44 -7.88
N ALA B 72 26.76 14.93 -6.96
CA ALA B 72 26.41 15.05 -5.55
C ALA B 72 26.71 16.49 -5.13
N THR B 73 25.69 17.35 -5.19
CA THR B 73 25.87 18.78 -4.96
C THR B 73 25.36 19.22 -3.59
N GLY B 74 25.07 18.27 -2.71
CA GLY B 74 24.57 18.60 -1.39
C GLY B 74 25.38 17.92 -0.31
N GLU B 75 25.36 18.53 0.87
CA GLU B 75 26.08 17.97 2.01
C GLU B 75 25.53 16.61 2.37
N PHE B 76 26.42 15.71 2.78
CA PHE B 76 26.05 14.38 3.29
C PHE B 76 25.13 13.64 2.32
N SER B 77 25.25 13.94 1.03
CA SER B 77 24.39 13.38 0.02
C SER B 77 25.08 12.23 -0.70
N SER B 78 24.28 11.24 -1.11
CA SER B 78 24.78 10.05 -1.77
C SER B 78 24.09 9.90 -3.12
N ALA B 79 24.89 9.77 -4.17
CA ALA B 79 24.39 9.58 -5.53
C ALA B 79 25.03 8.33 -6.11
N PHE B 80 24.26 7.24 -6.16
CA PHE B 80 24.77 5.95 -6.61
C PHE B 80 23.98 5.50 -7.83
N GLY B 81 24.68 5.04 -8.85
CA GLY B 81 24.03 4.49 -10.02
C GLY B 81 24.48 5.11 -11.33
N PHE B 82 23.51 5.52 -12.15
CA PHE B 82 23.78 6.12 -13.44
C PHE B 82 23.04 7.44 -13.54
N HIS B 83 23.78 8.53 -13.74
CA HIS B 83 23.22 9.86 -13.94
C HIS B 83 22.25 10.24 -12.82
N ASN B 84 22.70 10.06 -11.58
CA ASN B 84 21.92 10.39 -10.40
C ASN B 84 22.37 11.72 -9.84
N ILE B 85 21.43 12.48 -9.30
CA ILE B 85 21.69 13.84 -8.82
C ILE B 85 21.16 13.97 -7.40
N ALA B 86 22.01 14.45 -6.50
CA ALA B 86 21.63 14.74 -5.12
C ALA B 86 22.06 16.16 -4.79
N SER B 87 21.16 16.93 -4.17
CA SER B 87 21.39 18.37 -4.00
C SER B 87 20.95 18.93 -2.65
N LYS B 88 20.67 18.12 -1.65
CA LYS B 88 20.23 18.66 -0.36
C LYS B 88 21.00 18.04 0.79
N ILE B 89 20.56 18.35 2.02
CA ILE B 89 21.31 18.00 3.23
C ILE B 89 21.36 16.49 3.43
N HIS B 90 20.29 15.77 3.06
CA HIS B 90 20.30 14.31 3.12
C HIS B 90 19.51 13.81 1.91
N SER B 91 20.21 13.54 0.82
CA SER B 91 19.58 13.09 -0.42
C SER B 91 20.17 11.75 -0.83
N SER B 92 19.30 10.83 -1.20
CA SER B 92 19.70 9.51 -1.69
C SER B 92 19.13 9.30 -3.07
N ALA B 93 20.01 9.23 -4.07
CA ALA B 93 19.62 9.04 -5.46
C ALA B 93 20.26 7.75 -5.95
N PHE B 94 19.51 6.65 -5.85
CA PHE B 94 20.00 5.33 -6.21
C PHE B 94 19.22 4.82 -7.41
N GLY B 95 19.93 4.42 -8.45
CA GLY B 95 19.27 3.88 -9.63
C GLY B 95 19.74 4.52 -10.92
N SER B 96 18.79 4.84 -11.80
CA SER B 96 19.09 5.46 -13.09
C SER B 96 18.29 6.74 -13.22
N ASN B 97 19.00 7.84 -13.52
CA ASN B 97 18.38 9.12 -13.89
C ASN B 97 17.47 9.67 -12.79
N ASN B 98 17.77 9.36 -11.54
CA ASN B 98 16.98 9.87 -10.43
C ASN B 98 17.58 11.17 -9.91
N ALA B 99 16.72 12.14 -9.63
CA ALA B 99 17.13 13.43 -9.08
C ALA B 99 16.37 13.67 -7.79
N ALA B 100 17.06 13.53 -6.66
CA ALA B 100 16.46 13.70 -5.34
C ALA B 100 16.83 15.10 -4.85
N ASP B 101 15.91 16.05 -5.02
CA ASP B 101 16.12 17.44 -4.62
C ASP B 101 15.18 17.74 -3.46
N GLY B 102 15.63 17.39 -2.25
CA GLY B 102 14.83 17.64 -1.07
C GLY B 102 15.53 17.18 0.20
N VAL B 103 15.33 17.91 1.28
CA VAL B 103 15.99 17.57 2.54
C VAL B 103 15.40 16.28 3.07
N ASN B 104 16.26 15.33 3.43
CA ASN B 104 15.85 14.03 3.95
C ASN B 104 14.93 13.30 2.96
N SER B 105 15.23 13.43 1.67
CA SER B 105 14.43 12.85 0.61
C SER B 105 15.22 11.76 -0.10
N SER B 106 14.51 10.71 -0.52
CA SER B 106 15.11 9.57 -1.18
C SER B 106 14.42 9.32 -2.52
N ALA B 107 15.21 9.16 -3.57
CA ALA B 107 14.71 8.85 -4.91
C ALA B 107 15.35 7.55 -5.37
N PHE B 108 14.56 6.49 -5.46
CA PHE B 108 15.05 5.18 -5.83
C PHE B 108 14.29 4.68 -7.05
N GLY B 109 15.01 4.03 -7.96
CA GLY B 109 14.40 3.44 -9.15
C GLY B 109 14.99 4.03 -10.42
N PHE B 110 14.14 4.15 -11.44
CA PHE B 110 14.54 4.68 -12.74
C PHE B 110 13.81 5.98 -13.00
N LYS B 111 14.56 7.08 -13.05
CA LYS B 111 14.02 8.41 -13.36
C LYS B 111 12.89 8.78 -12.40
N ASN B 112 13.25 8.89 -11.11
CA ASN B 112 12.33 9.35 -10.08
C ASN B 112 12.85 10.67 -9.53
N THR B 113 11.97 11.68 -9.52
CA THR B 113 12.32 13.03 -9.07
C THR B 113 11.55 13.32 -7.79
N VAL B 114 12.27 13.68 -6.73
CA VAL B 114 11.65 14.07 -5.46
C VAL B 114 12.05 15.52 -5.19
N SER B 115 11.04 16.39 -5.06
CA SER B 115 11.27 17.80 -4.81
C SER B 115 10.70 18.26 -3.48
N GLY B 116 10.22 17.34 -2.64
CA GLY B 116 9.59 17.70 -1.39
C GLY B 116 10.52 17.49 -0.20
N PHE B 117 9.94 17.70 0.98
CA PHE B 117 10.66 17.59 2.25
C PHE B 117 10.27 16.28 2.92
N ASN B 118 11.27 15.48 3.29
CA ASN B 118 11.06 14.17 3.92
C ASN B 118 10.14 13.28 3.08
N SER B 119 10.33 13.30 1.76
CA SER B 119 9.51 12.52 0.85
C SER B 119 10.36 11.47 0.15
N SER B 120 9.73 10.33 -0.14
CA SER B 120 10.40 9.22 -0.79
C SER B 120 9.65 8.84 -2.06
N ALA B 121 10.38 8.22 -2.98
CA ALA B 121 9.77 7.80 -4.25
C ALA B 121 10.51 6.58 -4.76
N PHE B 122 9.77 5.50 -5.00
CA PHE B 122 10.33 4.25 -5.52
C PHE B 122 9.52 3.83 -6.73
N GLY B 123 10.22 3.51 -7.82
CA GLY B 123 9.54 3.12 -9.04
C GLY B 123 10.19 3.68 -10.28
N SER B 124 9.38 3.96 -11.31
CA SER B 124 9.91 4.44 -12.58
C SER B 124 9.07 5.60 -13.09
N GLN B 125 9.74 6.69 -13.46
CA GLN B 125 9.11 7.84 -14.11
C GLN B 125 8.00 8.45 -13.24
N TYR B 126 8.30 8.62 -11.95
CA TYR B 126 7.38 9.23 -11.01
C TYR B 126 8.03 10.45 -10.36
N GLN B 127 7.25 11.50 -10.18
CA GLN B 127 7.70 12.73 -9.54
C GLN B 127 6.85 13.02 -8.31
N VAL B 128 7.49 13.38 -7.21
CA VAL B 128 6.83 13.67 -5.95
C VAL B 128 7.26 15.06 -5.51
N THR B 129 6.39 16.05 -5.68
CA THR B 129 6.67 17.40 -5.24
C THR B 129 6.04 17.73 -3.89
N GLY B 130 5.29 16.80 -3.30
CA GLY B 130 4.62 17.07 -2.05
C GLY B 130 5.55 16.98 -0.85
N ASN B 131 5.05 17.48 0.29
CA ASN B 131 5.80 17.46 1.54
C ASN B 131 5.37 16.24 2.35
N PHE B 132 6.37 15.49 2.83
CA PHE B 132 6.13 14.25 3.59
C PHE B 132 5.26 13.29 2.78
N SER B 133 5.47 13.27 1.47
CA SER B 133 4.66 12.49 0.55
C SER B 133 5.46 11.28 0.06
N GLY B 134 4.82 10.48 -0.78
CA GLY B 134 5.47 9.29 -1.31
C GLY B 134 4.73 8.74 -2.49
N ALA B 135 5.44 7.92 -3.26
CA ALA B 135 4.86 7.27 -4.43
C ALA B 135 5.61 5.96 -4.68
N PHE B 136 4.86 4.93 -5.06
CA PHE B 136 5.42 3.61 -5.33
C PHE B 136 4.68 3.04 -6.54
N GLY B 137 5.27 3.20 -7.71
CA GLY B 137 4.63 2.71 -8.92
C GLY B 137 5.33 3.24 -10.16
N MET B 138 4.58 3.26 -11.26
CA MET B 138 5.08 3.65 -12.57
C MET B 138 4.28 4.82 -13.10
N GLY B 139 4.98 5.84 -13.61
CA GLY B 139 4.34 7.02 -14.16
C GLY B 139 4.55 7.17 -15.65
N GLU B 140 4.99 8.35 -16.08
CA GLU B 140 5.25 8.60 -17.50
C GLU B 140 6.11 9.84 -17.61
N PHE B 141 7.11 9.76 -18.48
CA PHE B 141 8.02 10.88 -18.71
C PHE B 141 8.38 10.87 -20.19
N ASN B 142 7.69 11.69 -20.98
CA ASN B 142 8.08 11.90 -22.37
C ASN B 142 9.20 12.93 -22.46
N GLY B 143 8.92 14.17 -22.06
CA GLY B 143 9.94 15.17 -21.87
C GLY B 143 9.75 15.85 -20.53
N GLN B 144 8.58 15.63 -19.93
CA GLN B 144 8.24 16.15 -18.62
C GLN B 144 7.41 15.11 -17.88
N TYR B 145 7.36 15.23 -16.56
CA TYR B 145 6.57 14.31 -15.75
C TYR B 145 5.09 14.65 -15.89
N GLN B 146 4.32 13.71 -16.45
CA GLN B 146 2.89 13.92 -16.62
C GLN B 146 2.08 13.44 -15.43
N TYR B 147 2.64 12.53 -14.61
CA TYR B 147 1.98 12.06 -13.41
C TYR B 147 2.84 12.44 -12.22
N LYS B 148 2.34 13.35 -11.39
CA LYS B 148 3.10 13.90 -10.27
C LYS B 148 2.25 13.91 -9.01
N ASN B 149 2.92 13.90 -7.87
CA ASN B 149 2.28 13.98 -6.56
C ASN B 149 2.55 15.35 -5.96
N GLU B 150 1.53 16.21 -5.96
CA GLU B 150 1.66 17.55 -5.43
C GLU B 150 0.96 17.72 -4.08
N GLY B 151 0.53 16.64 -3.46
CA GLY B 151 -0.17 16.71 -2.18
C GLY B 151 0.76 16.46 -1.01
N ASN B 152 0.42 17.05 0.12
CA ASN B 152 1.18 16.85 1.35
C ASN B 152 0.63 15.63 2.09
N ASN B 153 1.55 14.85 2.66
CA ASN B 153 1.19 13.66 3.43
C ASN B 153 0.33 12.70 2.60
N SER B 154 0.66 12.57 1.32
CA SER B 154 -0.09 11.73 0.40
C SER B 154 0.82 10.65 -0.17
N TYR B 155 0.26 9.44 -0.29
CA TYR B 155 1.01 8.30 -0.79
C TYR B 155 0.22 7.62 -1.91
N MET B 156 0.92 7.22 -2.96
CA MET B 156 0.32 6.59 -4.12
C MET B 156 1.00 5.25 -4.36
N ILE B 157 0.20 4.23 -4.66
CA ILE B 157 0.71 2.93 -5.07
C ILE B 157 -0.11 2.52 -6.30
N GLY B 158 0.51 2.55 -7.46
CA GLY B 158 -0.16 2.21 -8.69
C GLY B 158 0.52 2.87 -9.87
N ASN B 159 -0.12 2.75 -11.03
CA ASN B 159 0.42 3.23 -12.29
C ASN B 159 -0.39 4.41 -12.79
N LYS B 160 0.31 5.47 -13.23
CA LYS B 160 -0.31 6.61 -13.89
C LYS B 160 -1.39 7.25 -13.00
N ASN B 161 -0.95 7.69 -11.82
CA ASN B 161 -1.83 8.30 -10.84
C ASN B 161 -1.40 9.74 -10.60
N LYS B 162 -2.38 10.62 -10.41
CA LYS B 162 -2.15 12.05 -10.29
C LYS B 162 -2.89 12.61 -9.10
N ILE B 163 -2.23 13.51 -8.36
CA ILE B 163 -2.83 14.21 -7.24
C ILE B 163 -2.60 15.70 -7.44
N ALA B 164 -3.67 16.47 -7.46
CA ALA B 164 -3.56 17.90 -7.67
C ALA B 164 -2.98 18.60 -6.44
N SER B 165 -2.39 19.77 -6.68
CA SER B 165 -1.84 20.56 -5.59
C SER B 165 -2.97 21.10 -4.70
N GLY B 166 -2.73 21.11 -3.40
CA GLY B 166 -3.70 21.54 -2.42
C GLY B 166 -4.55 20.42 -1.84
N SER B 167 -4.51 19.24 -2.45
CA SER B 167 -5.24 18.08 -1.96
C SER B 167 -4.28 17.22 -1.13
N ASP B 168 -4.49 17.19 0.18
CA ASP B 168 -3.57 16.55 1.10
C ASP B 168 -4.26 15.40 1.83
N ASP B 169 -3.46 14.58 2.49
CA ASP B 169 -3.93 13.42 3.25
C ASP B 169 -4.76 12.49 2.37
N ASN B 170 -4.26 12.22 1.17
CA ASN B 170 -4.94 11.35 0.22
C ASN B 170 -4.08 10.13 -0.06
N PHE B 171 -4.69 8.96 -0.02
CA PHE B 171 -3.99 7.71 -0.26
C PHE B 171 -4.64 7.00 -1.45
N ILE B 172 -3.81 6.56 -2.39
CA ILE B 172 -4.27 5.93 -3.63
C ILE B 172 -3.70 4.51 -3.70
N LEU B 173 -4.57 3.55 -3.93
CA LEU B 173 -4.17 2.16 -4.20
C LEU B 173 -4.91 1.74 -5.46
N GLY B 174 -4.31 2.05 -6.61
CA GLY B 174 -4.95 1.76 -7.88
C GLY B 174 -4.22 2.46 -9.01
N ASN B 175 -4.73 2.24 -10.22
CA ASN B 175 -4.15 2.80 -11.42
C ASN B 175 -5.14 3.76 -12.08
N ASN B 176 -4.57 4.72 -12.83
CA ASN B 176 -5.36 5.70 -13.57
C ASN B 176 -6.31 6.47 -12.64
N VAL B 177 -5.82 6.82 -11.46
CA VAL B 177 -6.61 7.55 -10.48
C VAL B 177 -6.12 9.00 -10.44
N HIS B 178 -7.04 9.93 -10.67
CA HIS B 178 -6.73 11.35 -10.67
C HIS B 178 -7.57 12.05 -9.61
N ILE B 179 -6.94 12.89 -8.81
CA ILE B 179 -7.60 13.66 -7.76
C ILE B 179 -7.55 15.13 -8.13
N GLY B 180 -8.69 15.79 -8.08
CA GLY B 180 -8.77 17.20 -8.38
C GLY B 180 -8.33 18.04 -7.19
N GLY B 181 -8.54 19.35 -7.31
CA GLY B 181 -8.19 20.27 -6.25
C GLY B 181 -9.21 20.27 -5.13
N GLY B 182 -8.73 20.54 -3.92
CA GLY B 182 -9.61 20.62 -2.76
C GLY B 182 -10.28 19.32 -2.39
N ILE B 183 -9.53 18.22 -2.38
CA ILE B 183 -10.05 16.91 -2.00
C ILE B 183 -9.12 16.36 -0.91
N ASN B 184 -9.56 16.43 0.34
CA ASN B 184 -8.77 16.00 1.48
C ASN B 184 -9.37 14.76 2.12
N ASN B 185 -8.50 13.98 2.77
CA ASN B 185 -8.91 12.82 3.56
C ASN B 185 -9.70 11.81 2.73
N SER B 186 -9.21 11.54 1.53
CA SER B 186 -9.88 10.65 0.61
C SER B 186 -8.96 9.50 0.21
N VAL B 187 -9.54 8.31 0.11
CA VAL B 187 -8.80 7.10 -0.24
C VAL B 187 -9.49 6.46 -1.44
N ALA B 188 -8.72 6.08 -2.45
CA ALA B 188 -9.24 5.43 -3.65
C ALA B 188 -8.64 4.03 -3.76
N LEU B 189 -9.50 3.04 -3.94
CA LEU B 189 -9.09 1.64 -4.03
C LEU B 189 -9.51 1.09 -5.38
N GLY B 190 -8.62 0.30 -6.00
CA GLY B 190 -8.94 -0.43 -7.21
C GLY B 190 -8.52 0.31 -8.47
N ASN B 191 -8.49 -0.46 -9.56
CA ASN B 191 -8.15 0.10 -10.86
C ASN B 191 -9.21 1.07 -11.34
N ASN B 192 -8.76 2.15 -11.98
CA ASN B 192 -9.64 3.16 -12.58
C ASN B 192 -10.58 3.76 -11.54
N SER B 193 -10.11 3.96 -10.32
CA SER B 193 -10.93 4.55 -9.28
C SER B 193 -11.01 6.06 -9.46
N THR B 194 -12.13 6.64 -9.02
CA THR B 194 -12.37 8.06 -9.14
C THR B 194 -12.92 8.59 -7.82
N VAL B 195 -12.33 9.68 -7.34
CA VAL B 195 -12.76 10.33 -6.10
C VAL B 195 -13.19 11.75 -6.43
N SER B 196 -14.35 12.15 -5.90
CA SER B 196 -14.91 13.47 -6.19
C SER B 196 -15.30 14.25 -4.95
N ALA B 197 -14.96 13.78 -3.75
CA ALA B 197 -15.37 14.47 -2.54
C ALA B 197 -14.37 14.19 -1.43
N SER B 198 -14.41 15.00 -0.38
CA SER B 198 -13.53 14.86 0.76
C SER B 198 -14.13 13.91 1.80
N ASN B 199 -13.26 13.35 2.63
CA ASN B 199 -13.66 12.44 3.71
C ASN B 199 -14.49 11.28 3.18
N THR B 200 -14.08 10.74 2.03
CA THR B 200 -14.77 9.62 1.41
C THR B 200 -13.75 8.59 0.97
N VAL B 201 -14.18 7.34 0.87
CA VAL B 201 -13.37 6.25 0.35
C VAL B 201 -14.03 5.76 -0.95
N SER B 202 -13.29 5.82 -2.04
CA SER B 202 -13.80 5.44 -3.35
C SER B 202 -13.33 4.04 -3.69
N VAL B 203 -14.26 3.21 -4.16
CA VAL B 203 -13.96 1.84 -4.57
C VAL B 203 -14.02 1.70 -6.09
N GLY B 204 -14.50 2.72 -6.78
CA GLY B 204 -14.60 2.67 -8.22
C GLY B 204 -15.12 3.99 -8.76
N SER B 205 -15.50 3.96 -10.02
CA SER B 205 -15.96 5.15 -10.74
C SER B 205 -17.46 5.02 -11.02
N SER B 206 -17.99 6.02 -11.73
CA SER B 206 -19.41 5.99 -12.10
C SER B 206 -19.71 4.93 -13.13
N THR B 207 -18.71 4.44 -13.86
CA THR B 207 -18.90 3.42 -14.88
C THR B 207 -18.77 2.01 -14.33
N LEU B 208 -17.72 1.74 -13.55
CA LEU B 208 -17.50 0.44 -12.93
C LEU B 208 -17.61 0.59 -11.42
N LYS B 209 -18.39 -0.28 -10.79
CA LYS B 209 -18.59 -0.28 -9.35
C LYS B 209 -18.23 -1.64 -8.79
N ARG B 210 -17.38 -1.66 -7.78
CA ARG B 210 -16.91 -2.90 -7.20
C ARG B 210 -17.74 -3.29 -5.98
N LYS B 211 -17.93 -4.60 -5.82
CA LYS B 211 -18.65 -5.14 -4.68
C LYS B 211 -17.67 -5.44 -3.54
N ILE B 212 -18.14 -5.26 -2.32
CA ILE B 212 -17.37 -5.56 -1.12
C ILE B 212 -17.84 -6.93 -0.63
N VAL B 213 -16.94 -7.90 -0.67
CA VAL B 213 -17.28 -9.29 -0.41
C VAL B 213 -16.66 -9.72 0.91
N ASN B 214 -17.34 -10.63 1.61
CA ASN B 214 -16.87 -11.19 2.88
C ASN B 214 -16.80 -10.12 3.97
N VAL B 215 -17.90 -9.43 4.17
CA VAL B 215 -18.01 -8.42 5.22
C VAL B 215 -18.54 -9.09 6.47
N GLY B 216 -17.97 -8.72 7.62
CA GLY B 216 -18.39 -9.32 8.87
C GLY B 216 -19.79 -8.87 9.27
N ASP B 217 -20.34 -9.58 10.25
CA ASP B 217 -21.67 -9.27 10.75
C ASP B 217 -21.70 -7.87 11.34
N GLY B 218 -22.82 -7.18 11.15
CA GLY B 218 -22.95 -5.81 11.62
C GLY B 218 -23.25 -5.71 13.10
N ALA B 219 -23.48 -4.49 13.57
CA ALA B 219 -23.72 -4.19 14.98
C ALA B 219 -24.92 -3.26 15.12
N ILE B 220 -26.02 -3.63 14.48
CA ILE B 220 -27.22 -2.79 14.37
C ILE B 220 -27.61 -2.21 15.72
N SER B 221 -27.68 -0.88 15.80
CA SER B 221 -28.03 -0.16 17.02
C SER B 221 -28.33 1.27 16.62
N ALA B 222 -28.58 2.11 17.63
CA ALA B 222 -28.90 3.50 17.38
C ALA B 222 -27.67 4.32 17.04
N ASN B 223 -26.52 3.97 17.63
CA ASN B 223 -25.31 4.75 17.47
C ASN B 223 -24.22 4.05 16.67
N SER B 224 -24.22 2.72 16.65
CA SER B 224 -23.15 1.99 15.97
C SER B 224 -23.11 2.31 14.49
N SER B 225 -21.90 2.51 13.96
CA SER B 225 -21.69 2.86 12.57
C SER B 225 -20.80 1.79 11.93
N ASP B 226 -21.43 0.71 11.48
CA ASP B 226 -20.72 -0.36 10.80
C ASP B 226 -21.22 -0.51 9.37
N ALA B 227 -20.77 -1.54 8.67
CA ALA B 227 -21.21 -1.82 7.31
C ALA B 227 -22.05 -3.10 7.37
N VAL B 228 -23.35 -2.96 7.07
CA VAL B 228 -24.24 -4.09 7.19
C VAL B 228 -24.02 -5.07 6.04
N THR B 229 -24.51 -6.29 6.22
CA THR B 229 -24.37 -7.35 5.24
C THR B 229 -25.71 -7.63 4.58
N GLY B 230 -25.67 -8.39 3.48
CA GLY B 230 -26.89 -8.73 2.77
C GLY B 230 -27.81 -9.60 3.59
N ARG B 231 -27.25 -10.49 4.40
CA ARG B 231 -28.07 -11.35 5.24
C ARG B 231 -28.85 -10.54 6.27
N GLN B 232 -28.22 -9.50 6.84
CA GLN B 232 -28.88 -8.70 7.86
C GLN B 232 -30.08 -7.95 7.27
N LEU B 233 -29.89 -7.33 6.12
CA LEU B 233 -30.99 -6.62 5.48
C LEU B 233 -32.04 -7.60 5.00
N TYR B 234 -31.63 -8.80 4.57
CA TYR B 234 -32.59 -9.82 4.19
C TYR B 234 -33.48 -10.23 5.36
N SER B 235 -32.87 -10.39 6.54
CA SER B 235 -33.62 -10.85 7.70
C SER B 235 -34.14 -9.71 8.56
N GLY B 236 -33.38 -8.62 8.68
CA GLY B 236 -33.82 -7.49 9.47
C GLY B 236 -33.69 -7.67 10.97
N ASN B 237 -32.71 -8.46 11.42
CA ASN B 237 -32.52 -8.64 12.86
C ASN B 237 -32.03 -7.36 13.50
N GLY B 238 -32.58 -7.06 14.68
CA GLY B 238 -32.14 -5.93 15.47
C GLY B 238 -32.73 -4.59 15.06
N ILE B 239 -33.70 -4.57 14.15
CA ILE B 239 -34.28 -3.31 13.70
C ILE B 239 -35.14 -2.71 14.81
N ASP B 240 -35.43 -1.41 14.66
CA ASP B 240 -36.29 -0.70 15.61
C ASP B 240 -37.74 -1.02 15.28
N THR B 241 -38.35 -1.90 16.09
CA THR B 241 -39.73 -2.32 15.83
C THR B 241 -40.74 -1.21 16.09
N ALA B 242 -40.34 -0.10 16.69
CA ALA B 242 -41.22 1.03 16.91
C ALA B 242 -41.04 2.16 15.91
N ALA B 243 -39.79 2.55 15.63
CA ALA B 243 -39.55 3.60 14.66
C ALA B 243 -39.95 3.16 13.26
N TRP B 244 -39.62 1.92 12.88
CA TRP B 244 -39.98 1.42 11.56
C TRP B 244 -41.48 1.29 11.38
N GLN B 245 -42.24 1.11 12.46
CA GLN B 245 -43.68 0.99 12.38
C GLN B 245 -44.37 2.34 12.31
N ASN B 246 -43.62 3.44 12.38
CA ASN B 246 -44.16 4.78 12.20
C ASN B 246 -43.79 5.39 10.86
N LYS B 247 -42.57 5.16 10.38
CA LYS B 247 -42.19 5.66 9.06
C LYS B 247 -43.04 5.02 7.97
N LEU B 248 -43.24 3.70 8.04
CA LEU B 248 -44.24 3.01 7.25
C LEU B 248 -45.44 2.77 8.14
N ASN B 249 -46.61 3.27 7.74
CA ASN B 249 -47.83 3.05 8.50
C ASN B 249 -48.24 1.60 8.36
N VAL B 250 -47.95 0.82 9.39
CA VAL B 250 -48.31 -0.59 9.43
C VAL B 250 -49.36 -0.82 10.50
N THR B 251 -50.07 -1.94 10.38
CA THR B 251 -51.09 -2.33 11.35
C THR B 251 -50.60 -3.57 12.07
N ARG B 252 -50.29 -3.43 13.35
CA ARG B 252 -49.87 -4.58 14.15
C ARG B 252 -51.03 -5.56 14.29
N LYS B 253 -50.71 -6.83 14.49
CA LYS B 253 -51.74 -7.85 14.51
C LYS B 253 -52.57 -7.82 15.78
N ASN B 254 -52.05 -7.24 16.86
CA ASN B 254 -52.77 -7.28 18.13
C ASN B 254 -54.00 -6.37 18.12
N ASP B 255 -53.88 -5.12 17.66
CA ASP B 255 -55.03 -4.23 17.70
C ASP B 255 -56.05 -4.58 16.62
N TYR B 256 -55.59 -5.17 15.51
CA TYR B 256 -56.54 -5.72 14.54
C TYR B 256 -57.36 -6.82 15.17
N LYS B 257 -56.71 -7.73 15.89
CA LYS B 257 -57.39 -8.80 16.61
C LYS B 257 -58.25 -8.27 17.75
N ASP B 258 -57.96 -7.06 18.24
CA ASP B 258 -58.62 -6.52 19.42
C ASP B 258 -59.46 -5.27 19.11
N ALA B 259 -59.48 -4.83 17.85
CA ALA B 259 -60.27 -3.68 17.41
C ALA B 259 -59.91 -2.41 18.17
N ASN B 260 -58.62 -2.10 18.29
CA ASN B 260 -58.21 -0.85 18.90
C ASN B 260 -58.00 0.23 17.83
N ASP B 261 -58.24 1.49 18.23
CA ASP B 261 -58.09 2.64 17.34
C ASP B 261 -58.96 2.47 16.09
N ILE B 262 -60.26 2.34 16.36
CA ILE B 262 -61.26 2.14 15.32
C ILE B 262 -62.30 3.25 15.41
N ASP B 263 -62.57 3.89 14.28
CA ASP B 263 -63.67 4.81 14.18
C ASP B 263 -64.99 4.04 14.22
N VAL B 264 -65.96 4.57 14.95
CA VAL B 264 -67.23 3.89 15.16
C VAL B 264 -68.40 4.63 14.55
N ASN B 265 -68.27 5.93 14.28
CA ASN B 265 -69.40 6.69 13.77
C ASN B 265 -69.68 6.44 12.30
N LYS B 266 -68.68 6.06 11.52
CA LYS B 266 -68.87 5.84 10.09
C LYS B 266 -68.50 4.43 9.66
N TRP B 267 -67.79 3.69 10.51
CA TRP B 267 -67.59 2.27 10.25
C TRP B 267 -68.91 1.52 10.33
N LYS B 268 -69.84 1.99 11.16
CA LYS B 268 -71.16 1.40 11.24
C LYS B 268 -71.99 1.67 9.99
N ALA B 269 -71.56 2.62 9.15
CA ALA B 269 -72.33 2.94 7.95
C ALA B 269 -72.05 1.94 6.83
N LYS B 270 -70.78 1.78 6.46
CA LYS B 270 -70.44 0.84 5.40
C LYS B 270 -70.73 -0.59 5.82
N LEU B 271 -70.47 -0.93 7.08
CA LEU B 271 -70.69 -2.27 7.59
C LEU B 271 -72.09 -2.49 8.14
N GLY B 272 -72.96 -1.48 8.06
CA GLY B 272 -74.31 -1.61 8.55
C GLY B 272 -74.40 -1.71 10.06
N ALA C 23 50.45 8.81 2.32
CA ALA C 23 49.59 9.98 2.19
C ALA C 23 48.72 9.88 0.94
N ALA C 24 47.70 10.75 0.88
CA ALA C 24 46.77 10.85 -0.24
C ALA C 24 45.94 9.58 -0.40
N PRO C 25 44.87 9.60 -1.19
CA PRO C 25 44.15 8.36 -1.49
C PRO C 25 45.07 7.34 -2.13
N VAL C 26 44.92 6.08 -1.72
CA VAL C 26 45.77 5.00 -2.20
C VAL C 26 44.94 3.72 -2.31
N ILE C 27 45.43 2.78 -3.11
CA ILE C 27 44.85 1.45 -3.22
C ILE C 27 45.83 0.46 -2.63
N LYS C 28 45.32 -0.47 -1.82
CA LYS C 28 46.18 -1.43 -1.14
C LYS C 28 45.34 -2.59 -0.66
N ALA C 29 46.02 -3.70 -0.32
CA ALA C 29 45.34 -4.86 0.22
C ALA C 29 45.03 -4.65 1.71
N GLY C 30 43.96 -5.28 2.17
CA GLY C 30 43.58 -5.19 3.56
C GLY C 30 44.33 -6.19 4.43
N THR C 31 43.68 -6.67 5.49
CA THR C 31 44.29 -7.64 6.38
C THR C 31 43.91 -9.08 6.05
N ALA C 32 43.17 -9.30 4.98
CA ALA C 32 42.72 -10.63 4.59
C ALA C 32 42.97 -10.84 3.10
N THR C 33 42.85 -12.09 2.68
CA THR C 33 43.03 -12.41 1.27
C THR C 33 41.94 -11.77 0.43
N ASP C 34 42.34 -11.19 -0.70
CA ASP C 34 41.42 -10.56 -1.65
C ASP C 34 40.61 -9.45 -0.97
N SER C 35 41.25 -8.71 -0.08
CA SER C 35 40.62 -7.58 0.59
C SER C 35 41.16 -6.28 0.00
N THR C 36 40.24 -5.39 -0.37
CA THR C 36 40.59 -4.16 -1.08
C THR C 36 40.21 -2.95 -0.25
N GLU C 37 41.17 -2.04 -0.05
CA GLU C 37 40.94 -0.77 0.63
C GLU C 37 41.19 0.35 -0.37
N ALA C 38 40.16 1.16 -0.61
CA ALA C 38 40.23 2.25 -1.58
C ALA C 38 39.79 3.53 -0.89
N GLY C 39 40.60 4.58 -1.04
CA GLY C 39 40.29 5.87 -0.46
C GLY C 39 41.30 6.25 0.62
N VAL C 40 40.80 6.95 1.64
CA VAL C 40 41.62 7.43 2.75
C VAL C 40 41.08 6.83 4.04
N ASP C 41 41.98 6.24 4.83
CA ASP C 41 41.65 5.69 6.15
C ASP C 41 40.53 4.64 6.05
N ASN C 42 40.77 3.65 5.19
CA ASN C 42 39.82 2.57 4.99
C ASN C 42 40.37 1.29 5.60
N VAL C 43 39.46 0.47 6.14
CA VAL C 43 39.82 -0.76 6.84
C VAL C 43 39.04 -1.91 6.21
N ALA C 44 39.76 -2.98 5.82
CA ALA C 44 39.14 -4.19 5.29
C ALA C 44 39.74 -5.38 6.02
N ASN C 45 38.91 -6.11 6.76
CA ASN C 45 39.38 -7.26 7.52
C ASN C 45 38.78 -8.58 7.08
N GLY C 46 37.65 -8.58 6.37
CA GLY C 46 37.04 -9.82 5.95
C GLY C 46 37.65 -10.36 4.67
N VAL C 47 37.52 -11.69 4.51
CA VAL C 47 38.00 -12.34 3.30
C VAL C 47 37.11 -11.94 2.13
N LYS C 48 37.73 -11.59 1.00
CA LYS C 48 37.02 -11.17 -0.21
C LYS C 48 36.14 -9.94 0.06
N SER C 49 36.61 -9.05 0.93
CA SER C 49 35.86 -7.86 1.29
C SER C 49 36.43 -6.63 0.57
N SER C 50 35.64 -5.56 0.55
CA SER C 50 36.05 -4.33 -0.12
C SER C 50 35.56 -3.14 0.70
N ALA C 51 36.43 -2.15 0.85
CA ALA C 51 36.13 -0.93 1.59
C ALA C 51 36.54 0.26 0.75
N PHE C 52 35.55 0.99 0.24
CA PHE C 52 35.77 2.10 -0.68
C PHE C 52 35.24 3.38 -0.08
N GLY C 53 36.08 4.42 -0.08
CA GLY C 53 35.64 5.72 0.39
C GLY C 53 36.49 6.29 1.50
N TYR C 54 35.85 6.92 2.49
CA TYR C 54 36.54 7.49 3.64
C TYR C 54 35.97 6.83 4.88
N ASP C 55 36.87 6.28 5.70
CA ASP C 55 36.51 5.64 6.97
C ASP C 55 35.47 4.55 6.75
N ASN C 56 35.74 3.66 5.79
CA ASN C 56 34.87 2.56 5.48
C ASN C 56 35.44 1.27 6.03
N LYS C 57 34.63 0.53 6.79
CA LYS C 57 35.08 -0.67 7.48
C LYS C 57 34.33 -1.87 6.95
N ALA C 58 35.07 -2.86 6.47
CA ALA C 58 34.51 -4.13 6.01
C ALA C 58 35.18 -5.24 6.83
N ILE C 59 34.44 -5.81 7.77
CA ILE C 59 35.02 -6.70 8.76
C ILE C 59 34.76 -8.17 8.47
N GLU C 60 33.64 -8.52 7.86
CA GLU C 60 33.27 -9.92 7.66
C GLU C 60 33.50 -10.33 6.21
N LYS C 61 33.34 -11.62 5.97
CA LYS C 61 33.65 -12.21 4.68
C LYS C 61 32.68 -11.73 3.60
N GLU C 62 33.23 -11.38 2.43
CA GLU C 62 32.45 -10.91 1.28
C GLU C 62 31.54 -9.74 1.67
N SER C 63 32.07 -8.84 2.48
CA SER C 63 31.34 -7.64 2.91
C SER C 63 31.84 -6.44 2.13
N SER C 64 30.91 -5.70 1.53
CA SER C 64 31.22 -4.52 0.76
C SER C 64 30.66 -3.30 1.46
N ALA C 65 31.52 -2.30 1.69
CA ALA C 65 31.13 -1.06 2.34
C ALA C 65 31.60 0.09 1.47
N PHE C 66 30.68 0.74 0.77
CA PHE C 66 30.98 1.84 -0.14
C PHE C 66 30.36 3.12 0.38
N GLY C 67 31.14 4.20 0.37
CA GLY C 67 30.62 5.49 0.77
C GLY C 67 31.50 6.24 1.75
N THR C 68 30.87 6.94 2.68
CA THR C 68 31.59 7.73 3.68
C THR C 68 31.19 7.24 5.06
N GLY C 69 32.16 6.79 5.84
CA GLY C 69 31.91 6.37 7.21
C GLY C 69 30.93 5.22 7.33
N ASN C 70 31.00 4.25 6.43
CA ASN C 70 30.09 3.12 6.43
C ASN C 70 30.74 1.91 7.10
N ARG C 71 29.91 1.12 7.77
CA ARG C 71 30.36 -0.06 8.50
C ARG C 71 29.63 -1.28 7.99
N ALA C 72 30.37 -2.36 7.72
CA ALA C 72 29.81 -3.64 7.28
C ALA C 72 30.37 -4.72 8.19
N THR C 73 29.62 -5.05 9.25
CA THR C 73 30.08 -5.96 10.28
C THR C 73 29.47 -7.35 10.16
N GLY C 74 28.80 -7.65 9.06
CA GLY C 74 28.16 -8.92 8.87
C GLY C 74 28.57 -9.56 7.57
N GLU C 75 28.50 -10.89 7.54
CA GLU C 75 28.85 -11.63 6.33
C GLU C 75 27.92 -11.25 5.18
N PHE C 76 28.49 -11.20 3.98
CA PHE C 76 27.72 -10.97 2.74
C PHE C 76 26.84 -9.72 2.85
N SER C 77 27.27 -8.76 3.66
CA SER C 77 26.48 -7.56 3.91
C SER C 77 26.99 -6.40 3.07
N SER C 78 26.07 -5.53 2.68
CA SER C 78 26.39 -4.38 1.84
C SER C 78 25.94 -3.11 2.55
N ALA C 79 26.85 -2.16 2.68
CA ALA C 79 26.57 -0.87 3.31
C ALA C 79 26.98 0.22 2.33
N PHE C 80 26.01 0.83 1.67
CA PHE C 80 26.25 1.85 0.66
C PHE C 80 25.61 3.16 1.07
N GLY C 81 26.36 4.25 0.96
CA GLY C 81 25.81 5.56 1.22
C GLY C 81 26.62 6.38 2.22
N PHE C 82 25.94 6.92 3.22
CA PHE C 82 26.57 7.74 4.25
C PHE C 82 26.21 7.19 5.62
N HIS C 83 27.21 6.80 6.39
CA HIS C 83 27.03 6.34 7.77
C HIS C 83 26.00 5.22 7.85
N ASN C 84 26.16 4.22 6.99
CA ASN C 84 25.28 3.07 6.96
C ASN C 84 25.94 1.89 7.68
N ILE C 85 25.12 1.09 8.35
CA ILE C 85 25.61 -0.01 9.19
C ILE C 85 24.88 -1.28 8.80
N ALA C 86 25.65 -2.34 8.53
CA ALA C 86 25.11 -3.67 8.24
C ALA C 86 25.79 -4.67 9.15
N SER C 87 25.01 -5.55 9.78
CA SER C 87 25.54 -6.43 10.83
C SER C 87 25.02 -7.86 10.82
N LYS C 88 24.38 -8.32 9.75
CA LYS C 88 23.86 -9.69 9.74
C LYS C 88 24.24 -10.41 8.46
N ILE C 89 23.67 -11.61 8.28
CA ILE C 89 24.07 -12.51 7.20
C ILE C 89 23.73 -11.94 5.84
N HIS C 90 22.60 -11.23 5.72
CA HIS C 90 22.25 -10.55 4.47
C HIS C 90 21.59 -9.23 4.84
N SER C 91 22.39 -8.17 4.92
CA SER C 91 21.91 -6.86 5.30
C SER C 91 22.22 -5.86 4.20
N SER C 92 21.23 -5.04 3.86
CA SER C 92 21.39 -3.99 2.86
C SER C 92 21.05 -2.66 3.51
N ALA C 93 22.04 -1.79 3.64
CA ALA C 93 21.88 -0.48 4.24
C ALA C 93 22.26 0.57 3.20
N PHE C 94 21.28 1.05 2.45
CA PHE C 94 21.48 2.00 1.36
C PHE C 94 20.83 3.31 1.74
N GLY C 95 21.60 4.40 1.67
CA GLY C 95 21.05 5.71 1.96
C GLY C 95 21.88 6.50 2.95
N SER C 96 21.22 7.13 3.91
CA SER C 96 21.88 7.95 4.93
C SER C 96 21.45 7.46 6.30
N ASN C 97 22.44 7.15 7.15
CA ASN C 97 22.22 6.86 8.56
C ASN C 97 21.30 5.67 8.80
N ASN C 98 21.28 4.72 7.87
CA ASN C 98 20.45 3.53 8.02
C ASN C 98 21.24 2.41 8.68
N ALA C 99 20.60 1.73 9.62
CA ALA C 99 21.21 0.60 10.33
C ALA C 99 20.30 -0.61 10.15
N ALA C 100 20.73 -1.55 9.30
CA ALA C 100 19.97 -2.76 9.02
C ALA C 100 20.56 -3.90 9.85
N ASP C 101 19.95 -4.18 10.99
CA ASP C 101 20.41 -5.21 11.90
C ASP C 101 19.38 -6.34 11.90
N GLY C 102 19.50 -7.24 10.93
CA GLY C 102 18.58 -8.35 10.82
C GLY C 102 18.92 -9.25 9.65
N VAL C 103 18.71 -10.55 9.81
CA VAL C 103 19.03 -11.50 8.75
C VAL C 103 18.05 -11.30 7.60
N ASN C 104 18.59 -11.17 6.39
CA ASN C 104 17.78 -10.96 5.18
C ASN C 104 16.91 -9.71 5.30
N SER C 105 17.47 -8.67 5.92
CA SER C 105 16.76 -7.42 6.17
C SER C 105 17.37 -6.30 5.35
N SER C 106 16.51 -5.39 4.88
CA SER C 106 16.93 -4.28 4.04
C SER C 106 16.45 -2.97 4.65
N ALA C 107 17.36 -2.00 4.77
CA ALA C 107 17.05 -0.67 5.29
C ALA C 107 17.43 0.35 4.23
N PHE C 108 16.44 0.98 3.62
CA PHE C 108 16.65 1.94 2.54
C PHE C 108 16.03 3.27 2.92
N GLY C 109 16.72 4.36 2.58
CA GLY C 109 16.21 5.70 2.82
C GLY C 109 17.15 6.48 3.72
N PHE C 110 16.55 7.34 4.55
CA PHE C 110 17.29 8.20 5.46
C PHE C 110 16.96 7.81 6.90
N LYS C 111 17.95 7.28 7.62
CA LYS C 111 17.81 6.91 9.02
C LYS C 111 16.64 5.93 9.23
N ASN C 112 16.78 4.76 8.62
CA ASN C 112 15.83 3.67 8.80
C ASN C 112 16.53 2.51 9.50
N THR C 113 15.96 2.05 10.60
CA THR C 113 16.53 0.97 11.40
C THR C 113 15.63 -0.25 11.30
N VAL C 114 16.20 -1.38 10.88
CA VAL C 114 15.49 -2.65 10.81
C VAL C 114 16.16 -3.61 11.78
N SER C 115 15.39 -4.12 12.74
CA SER C 115 15.91 -5.03 13.74
C SER C 115 15.23 -6.41 13.68
N GLY C 116 14.39 -6.66 12.68
CA GLY C 116 13.66 -7.90 12.58
C GLY C 116 14.28 -8.87 11.58
N PHE C 117 13.57 -9.98 11.38
CA PHE C 117 14.00 -11.04 10.48
C PHE C 117 13.19 -10.97 9.19
N ASN C 118 13.89 -10.94 8.07
CA ASN C 118 13.27 -10.82 6.74
C ASN C 118 12.33 -9.62 6.67
N SER C 119 12.74 -8.49 7.22
CA SER C 119 11.93 -7.28 7.24
C SER C 119 12.62 -6.18 6.43
N SER C 120 11.80 -5.34 5.81
CA SER C 120 12.29 -4.26 4.97
C SER C 120 11.71 -2.94 5.47
N ALA C 121 12.41 -1.85 5.15
CA ALA C 121 11.96 -0.53 5.57
C ALA C 121 12.47 0.49 4.57
N PHE C 122 11.55 1.26 4.00
CA PHE C 122 11.88 2.30 3.03
C PHE C 122 11.22 3.60 3.47
N GLY C 123 12.00 4.67 3.51
CA GLY C 123 11.48 5.95 3.94
C GLY C 123 12.45 6.73 4.80
N SER C 124 11.94 7.52 5.74
CA SER C 124 12.79 8.36 6.57
C SER C 124 12.36 8.26 8.03
N GLN C 125 13.32 8.02 8.91
CA GLN C 125 13.11 8.04 10.36
C GLN C 125 12.05 7.03 10.79
N TYR C 126 12.14 5.81 10.25
CA TYR C 126 11.24 4.72 10.60
C TYR C 126 12.04 3.54 11.13
N GLN C 127 11.51 2.89 12.16
CA GLN C 127 12.13 1.71 12.75
C GLN C 127 11.16 0.53 12.68
N VAL C 128 11.67 -0.62 12.28
CA VAL C 128 10.87 -1.84 12.14
C VAL C 128 11.55 -2.92 12.97
N THR C 129 10.98 -3.23 14.13
CA THR C 129 11.50 -4.31 14.98
C THR C 129 10.74 -5.61 14.81
N GLY C 130 9.68 -5.63 14.00
CA GLY C 130 8.89 -6.83 13.83
C GLY C 130 9.54 -7.85 12.93
N ASN C 131 8.98 -9.05 12.97
CA ASN C 131 9.45 -10.17 12.16
C ASN C 131 8.62 -10.26 10.89
N PHE C 132 9.30 -10.35 9.74
CA PHE C 132 8.64 -10.38 8.44
C PHE C 132 7.72 -9.17 8.26
N SER C 133 8.15 -8.04 8.79
CA SER C 133 7.35 -6.81 8.79
C SER C 133 7.92 -5.82 7.78
N GLY C 134 7.27 -4.67 7.69
CA GLY C 134 7.70 -3.65 6.74
C GLY C 134 7.07 -2.32 7.05
N ALA C 135 7.69 -1.27 6.51
CA ALA C 135 7.19 0.08 6.67
C ALA C 135 7.63 0.91 5.48
N PHE C 136 6.73 1.78 5.01
CA PHE C 136 7.00 2.65 3.87
C PHE C 136 6.38 4.01 4.17
N GLY C 137 7.19 4.93 4.67
CA GLY C 137 6.68 6.25 5.01
C GLY C 137 7.70 7.04 5.81
N MET C 138 7.19 8.00 6.58
CA MET C 138 7.99 8.93 7.35
C MET C 138 7.61 8.85 8.82
N GLY C 139 8.62 8.75 9.69
CA GLY C 139 8.38 8.68 11.11
C GLY C 139 8.88 9.89 11.86
N GLU C 140 9.66 9.67 12.93
CA GLU C 140 10.22 10.76 13.70
C GLU C 140 11.37 10.20 14.54
N PHE C 141 12.46 10.96 14.58
CA PHE C 141 13.64 10.58 15.36
C PHE C 141 14.25 11.85 15.92
N ASN C 142 13.92 12.15 17.18
CA ASN C 142 14.60 13.25 17.87
C ASN C 142 15.93 12.77 18.44
N GLY C 143 15.89 11.84 19.38
CA GLY C 143 17.08 11.12 19.82
C GLY C 143 16.82 9.63 19.82
N GLN C 144 15.53 9.26 19.72
CA GLN C 144 15.10 7.88 19.65
C GLN C 144 13.93 7.79 18.67
N TYR C 145 13.67 6.58 18.19
CA TYR C 145 12.55 6.37 17.28
C TYR C 145 11.25 6.38 18.06
N GLN C 146 10.39 7.35 17.77
CA GLN C 146 9.10 7.46 18.44
C GLN C 146 8.00 6.70 17.73
N TYR C 147 8.16 6.42 16.44
CA TYR C 147 7.21 5.62 15.68
C TYR C 147 7.91 4.37 15.20
N LYS C 148 7.49 3.21 15.72
CA LYS C 148 8.15 1.95 15.43
C LYS C 148 7.12 0.89 15.11
N ASN C 149 7.56 -0.14 14.38
CA ASN C 149 6.73 -1.28 14.03
C ASN C 149 7.20 -2.48 14.83
N GLU C 150 6.44 -2.88 15.84
CA GLU C 150 6.78 -4.01 16.68
C GLU C 150 5.92 -5.23 16.41
N GLY C 151 5.13 -5.23 15.34
CA GLY C 151 4.26 -6.33 15.02
C GLY C 151 4.87 -7.26 13.99
N ASN C 152 4.49 -8.53 14.06
CA ASN C 152 4.93 -9.53 13.11
C ASN C 152 3.99 -9.55 11.91
N ASN C 153 4.57 -9.69 10.72
CA ASN C 153 3.81 -9.75 9.47
C ASN C 153 2.91 -8.53 9.31
N SER C 154 3.43 -7.37 9.69
CA SER C 154 2.67 -6.12 9.64
C SER C 154 3.38 -5.13 8.73
N TYR C 155 2.58 -4.40 7.95
CA TYR C 155 3.11 -3.43 7.00
C TYR C 155 2.39 -2.10 7.19
N MET C 156 3.16 -1.02 7.14
CA MET C 156 2.63 0.33 7.31
C MET C 156 3.00 1.18 6.10
N ILE C 157 2.05 1.97 5.63
CA ILE C 157 2.30 2.96 4.59
C ILE C 157 1.64 4.25 5.05
N GLY C 158 2.45 5.22 5.43
CA GLY C 158 1.94 6.48 5.91
C GLY C 158 2.97 7.16 6.81
N ASN C 159 2.54 8.24 7.43
CA ASN C 159 3.40 9.08 8.26
C ASN C 159 3.00 8.95 9.72
N LYS C 160 3.99 8.80 10.59
CA LYS C 160 3.80 8.82 12.04
C LYS C 160 2.77 7.78 12.47
N ASN C 161 3.07 6.52 12.16
CA ASN C 161 2.21 5.40 12.49
C ASN C 161 2.92 4.46 13.45
N LYS C 162 2.16 3.91 14.39
CA LYS C 162 2.72 3.09 15.46
C LYS C 162 1.91 1.80 15.60
N ILE C 163 2.63 0.70 15.82
CA ILE C 163 2.02 -0.61 16.06
C ILE C 163 2.65 -1.18 17.32
N ALA C 164 1.81 -1.50 18.30
CA ALA C 164 2.29 -2.03 19.57
C ALA C 164 2.79 -3.46 19.40
N SER C 165 3.68 -3.86 20.32
CA SER C 165 4.19 -5.22 20.32
C SER C 165 3.09 -6.21 20.68
N GLY C 166 3.10 -7.36 20.02
CA GLY C 166 2.09 -8.38 20.22
C GLY C 166 0.92 -8.29 19.27
N SER C 167 0.77 -7.18 18.55
CA SER C 167 -0.29 -7.01 17.57
C SER C 167 0.28 -7.34 16.19
N ASP C 168 -0.17 -8.45 15.62
CA ASP C 168 0.39 -8.98 14.38
C ASP C 168 -0.68 -9.01 13.29
N ASP C 169 -0.23 -9.22 12.06
CA ASP C 169 -1.10 -9.28 10.88
C ASP C 169 -1.96 -8.03 10.76
N ASN C 170 -1.33 -6.87 10.94
CA ASN C 170 -2.01 -5.59 10.86
C ASN C 170 -1.43 -4.78 9.71
N PHE C 171 -2.31 -4.21 8.90
CA PHE C 171 -1.90 -3.40 7.75
C PHE C 171 -2.47 -2.00 7.90
N ILE C 172 -1.62 -0.99 7.73
CA ILE C 172 -1.99 0.40 7.90
C ILE C 172 -1.77 1.14 6.59
N LEU C 173 -2.80 1.86 6.13
CA LEU C 173 -2.70 2.75 4.99
C LEU C 173 -3.27 4.09 5.44
N GLY C 174 -2.42 4.91 6.05
CA GLY C 174 -2.87 6.18 6.58
C GLY C 174 -1.81 6.79 7.47
N ASN C 175 -2.13 7.97 8.00
CA ASN C 175 -1.23 8.71 8.85
C ASN C 175 -1.81 8.86 10.25
N ASN C 176 -0.92 9.00 11.23
CA ASN C 176 -1.30 9.19 12.63
C ASN C 176 -2.18 8.04 13.13
N VAL C 177 -1.84 6.82 12.74
CA VAL C 177 -2.59 5.64 13.11
C VAL C 177 -1.79 4.87 14.16
N HIS C 178 -2.40 4.65 15.33
CA HIS C 178 -1.77 3.94 16.42
C HIS C 178 -2.59 2.71 16.76
N ILE C 179 -1.92 1.57 16.91
CA ILE C 179 -2.57 0.31 17.26
C ILE C 179 -2.10 -0.10 18.65
N GLY C 180 -3.04 -0.43 19.52
CA GLY C 180 -2.71 -0.86 20.86
C GLY C 180 -2.31 -2.32 20.88
N GLY C 181 -2.17 -2.85 22.09
CA GLY C 181 -1.80 -4.24 22.26
C GLY C 181 -2.98 -5.18 22.04
N GLY C 182 -2.67 -6.38 21.58
CA GLY C 182 -3.70 -7.40 21.37
C GLY C 182 -4.72 -7.04 20.31
N ILE C 183 -4.28 -6.54 19.16
CA ILE C 183 -5.15 -6.22 18.04
C ILE C 183 -4.60 -6.92 16.82
N ASN C 184 -5.22 -8.02 16.42
CA ASN C 184 -4.77 -8.83 15.30
C ASN C 184 -5.76 -8.76 14.15
N ASN C 185 -5.23 -8.97 12.94
CA ASN C 185 -6.05 -9.07 11.72
C ASN C 185 -6.89 -7.81 11.51
N SER C 186 -6.27 -6.65 11.68
CA SER C 186 -6.97 -5.38 11.56
C SER C 186 -6.29 -4.51 10.51
N VAL C 187 -7.12 -3.82 9.73
CA VAL C 187 -6.64 -2.94 8.67
C VAL C 187 -7.24 -1.56 8.89
N ALA C 188 -6.41 -0.52 8.81
CA ALA C 188 -6.84 0.86 8.97
C ALA C 188 -6.59 1.63 7.68
N LEU C 189 -7.61 2.31 7.19
CA LEU C 189 -7.55 3.06 5.94
C LEU C 189 -7.82 4.53 6.22
N GLY C 190 -7.06 5.41 5.59
CA GLY C 190 -7.33 6.83 5.64
C GLY C 190 -6.52 7.56 6.71
N ASN C 191 -6.48 8.88 6.57
CA ASN C 191 -5.79 9.72 7.52
C ASN C 191 -6.49 9.70 8.88
N ASN C 192 -5.67 9.71 9.94
CA ASN C 192 -6.17 9.76 11.33
C ASN C 192 -7.11 8.60 11.64
N SER C 193 -6.83 7.43 11.08
CA SER C 193 -7.66 6.26 11.34
C SER C 193 -7.33 5.67 12.72
N THR C 194 -8.34 5.05 13.32
CA THR C 194 -8.21 4.46 14.65
C THR C 194 -8.84 3.07 14.63
N VAL C 195 -8.11 2.09 15.15
CA VAL C 195 -8.58 0.71 15.24
C VAL C 195 -8.60 0.31 16.71
N SER C 196 -9.70 -0.30 17.15
CA SER C 196 -9.86 -0.68 18.54
C SER C 196 -10.28 -2.13 18.75
N ALA C 197 -10.28 -2.96 17.71
CA ALA C 197 -10.72 -4.34 17.84
C ALA C 197 -10.02 -5.19 16.79
N SER C 198 -10.07 -6.50 17.00
CA SER C 198 -9.46 -7.45 16.09
C SER C 198 -10.46 -7.86 15.00
N ASN C 199 -9.90 -8.35 13.89
CA ASN C 199 -10.70 -8.82 12.75
C ASN C 199 -11.68 -7.75 12.27
N THR C 200 -11.21 -6.50 12.23
CA THR C 200 -12.02 -5.38 11.78
C THR C 200 -11.21 -4.52 10.82
N VAL C 201 -11.91 -3.81 9.96
CA VAL C 201 -11.31 -2.85 9.05
C VAL C 201 -11.82 -1.47 9.43
N SER C 202 -10.90 -0.57 9.77
CA SER C 202 -11.25 0.77 10.21
C SER C 202 -11.08 1.75 9.06
N VAL C 203 -12.07 2.61 8.85
CA VAL C 203 -12.05 3.62 7.81
C VAL C 203 -11.87 5.02 8.41
N GLY C 204 -11.95 5.13 9.72
CA GLY C 204 -11.80 6.41 10.37
C GLY C 204 -11.88 6.24 11.88
N SER C 205 -12.02 7.38 12.56
CA SER C 205 -12.06 7.43 14.02
C SER C 205 -13.46 7.79 14.48
N SER C 206 -13.60 7.93 15.81
CA SER C 206 -14.89 8.32 16.38
C SER C 206 -15.25 9.77 16.05
N THR C 207 -14.28 10.59 15.68
CA THR C 207 -14.53 11.99 15.36
C THR C 207 -14.83 12.20 13.89
N LEU C 208 -14.05 11.62 12.99
CA LEU C 208 -14.26 11.71 11.56
C LEU C 208 -14.59 10.34 11.02
N LYS C 209 -15.66 10.25 10.23
CA LYS C 209 -16.11 9.00 9.64
C LYS C 209 -16.19 9.18 8.12
N ARG C 210 -15.57 8.27 7.39
CA ARG C 210 -15.53 8.37 5.94
C ARG C 210 -16.64 7.54 5.30
N LYS C 211 -17.16 8.05 4.19
CA LYS C 211 -18.17 7.35 3.41
C LYS C 211 -17.51 6.48 2.37
N ILE C 212 -18.15 5.34 2.09
CA ILE C 212 -17.70 4.42 1.04
C ILE C 212 -18.56 4.68 -0.18
N VAL C 213 -17.94 5.16 -1.25
CA VAL C 213 -18.64 5.64 -2.41
C VAL C 213 -18.39 4.68 -3.57
N ASN C 214 -19.39 4.54 -4.46
CA ASN C 214 -19.29 3.70 -5.66
C ASN C 214 -19.16 2.23 -5.29
N VAL C 215 -20.09 1.75 -4.46
CA VAL C 215 -20.14 0.35 -4.08
C VAL C 215 -21.03 -0.39 -5.06
N GLY C 216 -20.61 -1.58 -5.45
CA GLY C 216 -21.38 -2.37 -6.40
C GLY C 216 -22.68 -2.89 -5.80
N ASP C 217 -23.54 -3.35 -6.68
CA ASP C 217 -24.83 -3.90 -6.26
C ASP C 217 -24.62 -5.10 -5.35
N GLY C 218 -25.49 -5.23 -4.35
CA GLY C 218 -25.37 -6.31 -3.39
C GLY C 218 -25.91 -7.63 -3.89
N ALA C 219 -25.91 -8.64 -3.02
CA ALA C 219 -26.32 -10.00 -3.35
C ALA C 219 -27.26 -10.53 -2.29
N ILE C 220 -28.30 -9.75 -1.96
CA ILE C 220 -29.21 -10.02 -0.86
C ILE C 220 -29.70 -11.47 -0.88
N SER C 221 -29.44 -12.18 0.21
CA SER C 221 -29.82 -13.58 0.36
C SER C 221 -29.70 -13.94 1.83
N ALA C 222 -29.92 -15.22 2.13
CA ALA C 222 -29.85 -15.68 3.51
C ALA C 222 -28.41 -15.83 3.98
N ASN C 223 -27.51 -16.22 3.07
CA ASN C 223 -26.13 -16.52 3.43
C ASN C 223 -25.13 -15.52 2.89
N SER C 224 -25.43 -14.84 1.80
CA SER C 224 -24.46 -13.93 1.18
C SER C 224 -24.09 -12.80 2.13
N SER C 225 -22.79 -12.49 2.18
CA SER C 225 -22.25 -11.47 3.05
C SER C 225 -21.55 -10.42 2.18
N ASP C 226 -22.33 -9.47 1.68
CA ASP C 226 -21.79 -8.37 0.88
C ASP C 226 -22.04 -7.04 1.58
N ALA C 227 -21.73 -5.95 0.90
CA ALA C 227 -21.98 -4.60 1.41
C ALA C 227 -23.10 -3.99 0.58
N VAL C 228 -24.25 -3.75 1.22
CA VAL C 228 -25.40 -3.26 0.48
C VAL C 228 -25.21 -1.78 0.13
N THR C 229 -26.00 -1.32 -0.82
CA THR C 229 -25.95 0.05 -1.30
C THR C 229 -27.18 0.83 -0.82
N GLY C 230 -27.11 2.14 -0.97
CA GLY C 230 -28.23 2.98 -0.57
C GLY C 230 -29.47 2.73 -1.39
N ARG C 231 -29.30 2.44 -2.68
CA ARG C 231 -30.45 2.17 -3.55
C ARG C 231 -31.17 0.90 -3.10
N GLN C 232 -30.42 -0.12 -2.69
CA GLN C 232 -31.05 -1.38 -2.29
C GLN C 232 -31.91 -1.20 -1.04
N LEU C 233 -31.36 -0.51 -0.05
CA LEU C 233 -32.12 -0.26 1.17
C LEU C 233 -33.29 0.68 0.89
N TYR C 234 -33.11 1.63 -0.04
CA TYR C 234 -34.20 2.51 -0.43
C TYR C 234 -35.34 1.73 -1.04
N SER C 235 -35.03 0.76 -1.91
CA SER C 235 -36.05 0.01 -2.61
C SER C 235 -36.43 -1.28 -1.90
N GLY C 236 -35.47 -1.96 -1.28
CA GLY C 236 -35.76 -3.18 -0.56
C GLY C 236 -35.95 -4.40 -1.44
N ASN C 237 -35.29 -4.44 -2.59
CA ASN C 237 -35.40 -5.60 -3.47
C ASN C 237 -34.74 -6.83 -2.85
N GLY C 238 -35.40 -7.97 -2.97
CA GLY C 238 -34.85 -9.23 -2.52
C GLY C 238 -35.03 -9.52 -1.04
N ILE C 239 -35.78 -8.70 -0.32
CA ILE C 239 -35.95 -8.91 1.12
C ILE C 239 -36.83 -10.14 1.37
N ASP C 240 -36.77 -10.64 2.60
CA ASP C 240 -37.59 -11.77 3.01
C ASP C 240 -38.99 -11.28 3.33
N THR C 241 -39.93 -11.52 2.41
CA THR C 241 -41.28 -11.03 2.58
C THR C 241 -42.04 -11.76 3.70
N ALA C 242 -41.49 -12.85 4.23
CA ALA C 242 -42.11 -13.58 5.32
C ALA C 242 -41.48 -13.26 6.68
N ALA C 243 -40.15 -13.27 6.76
CA ALA C 243 -39.48 -12.95 8.02
C ALA C 243 -39.72 -11.50 8.41
N TRP C 244 -39.64 -10.57 7.45
CA TRP C 244 -39.87 -9.16 7.76
C TRP C 244 -41.30 -8.88 8.17
N GLN C 245 -42.25 -9.70 7.74
CA GLN C 245 -43.65 -9.52 8.12
C GLN C 245 -43.97 -10.09 9.48
N ASN C 246 -43.00 -10.72 10.14
CA ASN C 246 -43.16 -11.22 11.51
C ASN C 246 -42.42 -10.36 12.53
N LYS C 247 -41.22 -9.88 12.19
CA LYS C 247 -40.50 -9.00 13.11
C LYS C 247 -41.28 -7.70 13.32
N LEU C 248 -41.78 -7.10 12.25
CA LEU C 248 -42.78 -6.03 12.35
C LEU C 248 -44.14 -6.65 12.08
N ASN C 249 -45.05 -6.49 13.04
CA ASN C 249 -46.41 -7.01 12.87
C ASN C 249 -47.13 -6.14 11.84
N VAL C 250 -47.22 -6.67 10.62
CA VAL C 250 -47.91 -5.98 9.54
C VAL C 250 -49.17 -6.76 9.18
N THR C 251 -50.08 -6.08 8.50
CA THR C 251 -51.32 -6.69 8.04
C THR C 251 -51.30 -6.72 6.51
N ARG C 252 -51.19 -7.92 5.94
CA ARG C 252 -51.21 -8.06 4.49
C ARG C 252 -52.58 -7.65 3.96
N LYS C 253 -52.60 -7.21 2.70
CA LYS C 253 -53.85 -6.68 2.15
C LYS C 253 -54.86 -7.76 1.83
N ASN C 254 -54.42 -9.02 1.66
CA ASN C 254 -55.34 -10.06 1.26
C ASN C 254 -56.30 -10.45 2.38
N ASP C 255 -55.79 -10.68 3.60
CA ASP C 255 -56.69 -11.11 4.68
C ASP C 255 -57.55 -9.96 5.19
N TYR C 256 -57.05 -8.73 5.08
CA TYR C 256 -57.91 -7.57 5.35
C TYR C 256 -59.08 -7.55 4.37
N LYS C 257 -58.80 -7.74 3.08
CA LYS C 257 -59.84 -7.81 2.07
C LYS C 257 -60.74 -9.03 2.24
N ASP C 258 -60.26 -10.08 2.93
CA ASP C 258 -60.97 -11.34 3.05
C ASP C 258 -61.41 -11.64 4.47
N ALA C 259 -61.10 -10.77 5.43
CA ALA C 259 -61.50 -10.93 6.83
C ALA C 259 -60.98 -12.23 7.44
N ASN C 260 -59.70 -12.53 7.26
CA ASN C 260 -59.12 -13.70 7.90
C ASN C 260 -58.47 -13.32 9.23
N ASP C 261 -58.46 -14.26 10.17
CA ASP C 261 -57.88 -14.07 11.50
C ASP C 261 -58.54 -12.87 12.19
N ILE C 262 -59.86 -12.99 12.34
CA ILE C 262 -60.67 -11.95 12.96
C ILE C 262 -61.41 -12.54 14.15
N ASP C 263 -61.30 -11.86 15.29
CA ASP C 263 -62.12 -12.18 16.43
C ASP C 263 -63.57 -11.78 16.15
N VAL C 264 -64.50 -12.64 16.56
CA VAL C 264 -65.90 -12.45 16.26
C VAL C 264 -66.75 -12.23 17.52
N ASN C 265 -66.25 -12.64 18.69
CA ASN C 265 -67.06 -12.53 19.90
C ASN C 265 -67.12 -11.13 20.45
N LYS C 266 -66.12 -10.29 20.20
CA LYS C 266 -66.09 -8.93 20.73
C LYS C 266 -66.00 -7.88 19.64
N TRP C 267 -65.66 -8.29 18.41
CA TRP C 267 -65.76 -7.36 17.28
C TRP C 267 -67.21 -7.01 17.02
N LYS C 268 -68.13 -7.94 17.30
CA LYS C 268 -69.56 -7.66 17.18
C LYS C 268 -70.05 -6.67 18.22
N ALA C 269 -69.27 -6.43 19.28
CA ALA C 269 -69.71 -5.52 20.33
C ALA C 269 -69.49 -4.06 19.93
N LYS C 270 -68.24 -3.70 19.59
CA LYS C 270 -67.95 -2.33 19.18
C LYS C 270 -68.65 -1.98 17.87
N LEU C 271 -68.71 -2.92 16.94
CA LEU C 271 -69.32 -2.69 15.65
C LEU C 271 -70.82 -3.00 15.64
N GLY C 272 -71.38 -3.40 16.76
CA GLY C 272 -72.81 -3.70 16.83
C GLY C 272 -73.19 -4.97 16.08
#